data_3GIV
#
_entry.id   3GIV
#
_cell.length_a   79.581
_cell.length_b   88.185
_cell.length_c   63.864
_cell.angle_alpha   90.00
_cell.angle_beta   90.04
_cell.angle_gamma   90.00
#
_symmetry.space_group_name_H-M   'P 1 21 1'
#
loop_
_entity.id
_entity.type
_entity.pdbx_description
1 polymer 'HLA class I histocompatibility antigen, A-2 alpha chain'
2 polymer Beta-2-microglobulin
3 polymer 'HIV-1 peptide'
4 water water
#
loop_
_entity_poly.entity_id
_entity_poly.type
_entity_poly.pdbx_seq_one_letter_code
_entity_poly.pdbx_strand_id
1 'polypeptide(L)'
;GSHSMRYFFTSVSRPGRGEPRFIAVGYVDDTQFVRFDSDAASQRMEPRAPWIEQEGPEYWDGETRKVKAHSQTHRVDLGT
LRGYYNQSEAGSHTVQRMYGCDVGSDWRFLRGYHQYAYDGKDYIALKEDLRSWTAADMAAQTTKHKWEAAHVAEQLRAYL
EGTCVEWLRRYLENGKETLQRTDAPKTHMTHHAVSDHEATLRCWALSFYPAEITLTWQRDGEDQTQDTELVETRPAGDGT
FQKWAAVVVPSGQEQRYTCHVQHEGLPKPLTLRWE
;
A,D
2 'polypeptide(L)'
;MIQRTPKIQVYSRHPAENGKSNFLNCYVSGFHPSDIEVDLLKNGERIEKVEHSDLSFSKDWSFYLLYYTEFTPTEKDEYA
CRVNHVTLSQPKIVKWDRDM
;
B,E
3 'polypeptide(L)' SLFNTVATLY C,F
#
# COMPACT_ATOMS: atom_id res chain seq x y z
N GLY A 1 -14.25 -0.98 -6.80
CA GLY A 1 -13.31 -0.85 -5.63
C GLY A 1 -13.36 0.51 -4.94
N SER A 2 -12.19 1.07 -4.68
CA SER A 2 -11.98 2.37 -4.06
C SER A 2 -12.48 3.50 -4.97
N HIS A 3 -12.91 4.62 -4.37
CA HIS A 3 -13.30 5.81 -5.13
C HIS A 3 -12.84 7.08 -4.44
N SER A 4 -12.82 8.19 -5.21
CA SER A 4 -12.37 9.50 -4.72
C SER A 4 -13.20 10.65 -5.29
N MET A 5 -13.34 11.69 -4.47
CA MET A 5 -13.79 12.97 -4.94
C MET A 5 -12.68 13.97 -4.65
N ARG A 6 -12.39 14.81 -5.64
CA ARG A 6 -11.34 15.84 -5.53
C ARG A 6 -11.77 17.15 -6.16
N TYR A 7 -11.48 18.25 -5.47
CA TYR A 7 -11.58 19.60 -6.04
C TYR A 7 -10.19 20.22 -6.24
N PHE A 8 -9.99 20.90 -7.38
CA PHE A 8 -8.70 21.50 -7.74
C PHE A 8 -8.94 22.98 -8.04
N PHE A 9 -8.21 23.86 -7.36
CA PHE A 9 -8.38 25.31 -7.52
C PHE A 9 -7.06 25.96 -7.92
N THR A 10 -7.10 26.84 -8.92
CA THR A 10 -5.92 27.57 -9.39
C THR A 10 -6.18 29.09 -9.43
N SER A 11 -5.33 29.83 -8.77
CA SER A 11 -5.42 31.28 -8.80
C SER A 11 -4.09 31.89 -9.26
N VAL A 12 -4.19 32.79 -10.23
CA VAL A 12 -3.02 33.36 -10.90
C VAL A 12 -3.16 34.87 -10.94
N SER A 13 -2.28 35.57 -10.20
CA SER A 13 -2.29 37.02 -10.22
C SER A 13 -1.87 37.56 -11.57
N ARG A 14 -2.40 38.74 -11.91
CA ARG A 14 -2.16 39.37 -13.19
C ARG A 14 -1.93 40.84 -12.95
N PRO A 15 -0.78 41.22 -12.36
CA PRO A 15 -0.56 42.63 -11.94
C PRO A 15 -0.66 43.63 -13.09
N GLY A 16 -1.44 44.68 -12.87
CA GLY A 16 -1.76 45.67 -13.90
C GLY A 16 -2.63 45.18 -15.06
N ARG A 17 -3.20 43.98 -14.93
CA ARG A 17 -4.14 43.43 -15.94
C ARG A 17 -5.45 42.94 -15.30
N GLY A 18 -5.82 43.52 -14.16
CA GLY A 18 -7.09 43.21 -13.49
C GLY A 18 -7.06 42.17 -12.39
N GLU A 19 -8.23 41.56 -12.15
CA GLU A 19 -8.42 40.61 -11.07
C GLU A 19 -7.60 39.33 -11.35
N PRO A 20 -7.22 38.58 -10.29
CA PRO A 20 -6.52 37.34 -10.60
C PRO A 20 -7.49 36.36 -11.25
N ARG A 21 -6.99 35.57 -12.18
CA ARG A 21 -7.74 34.46 -12.76
C ARG A 21 -7.97 33.39 -11.67
N PHE A 22 -9.17 32.82 -11.62
CA PHE A 22 -9.48 31.73 -10.67
C PHE A 22 -10.23 30.62 -11.42
N ILE A 23 -9.72 29.40 -11.32
CA ILE A 23 -10.35 28.26 -11.99
C ILE A 23 -10.54 27.16 -10.96
N ALA A 24 -11.77 26.64 -10.89
CA ALA A 24 -12.07 25.51 -10.01
C ALA A 24 -12.62 24.36 -10.86
N VAL A 25 -12.12 23.15 -10.61
CA VAL A 25 -12.68 21.91 -11.18
C VAL A 25 -12.92 20.83 -10.13
N GLY A 26 -14.00 20.08 -10.33
CA GLY A 26 -14.32 18.91 -9.52
C GLY A 26 -14.29 17.61 -10.32
N TYR A 27 -13.76 16.58 -9.65
CA TYR A 27 -13.67 15.23 -10.20
C TYR A 27 -14.27 14.20 -9.23
N VAL A 28 -14.91 13.18 -9.79
CA VAL A 28 -15.09 11.90 -9.10
C VAL A 28 -14.24 10.90 -9.87
N ASP A 29 -13.27 10.27 -9.19
CA ASP A 29 -12.32 9.33 -9.80
C ASP A 29 -11.70 10.07 -10.98
N ASP A 30 -11.76 9.49 -12.18
CA ASP A 30 -11.13 10.15 -13.33
C ASP A 30 -12.11 10.92 -14.20
N THR A 31 -13.26 11.28 -13.64
CA THR A 31 -14.28 11.99 -14.39
C THR A 31 -14.55 13.38 -13.82
N GLN A 32 -14.38 14.41 -14.67
CA GLN A 32 -14.72 15.77 -14.26
C GLN A 32 -16.22 15.98 -14.29
N PHE A 33 -16.74 16.66 -13.28
CA PHE A 33 -18.20 16.88 -13.19
C PHE A 33 -18.63 18.36 -13.04
N VAL A 34 -17.76 19.23 -12.52
CA VAL A 34 -18.07 20.68 -12.46
C VAL A 34 -16.84 21.55 -12.78
N ARG A 35 -17.10 22.83 -13.08
CA ARG A 35 -16.08 23.83 -13.29
C ARG A 35 -16.61 25.24 -12.91
N PHE A 36 -15.68 26.12 -12.57
CA PHE A 36 -15.90 27.56 -12.46
C PHE A 36 -14.70 28.29 -13.04
N ASP A 37 -14.96 29.28 -13.89
CA ASP A 37 -13.91 30.10 -14.49
C ASP A 37 -14.25 31.57 -14.27
N SER A 38 -13.36 32.27 -13.56
CA SER A 38 -13.54 33.68 -13.23
C SER A 38 -13.68 34.57 -14.48
N ASP A 39 -13.10 34.12 -15.58
CA ASP A 39 -13.12 34.86 -16.83
C ASP A 39 -14.29 34.52 -17.75
N ALA A 40 -15.13 33.57 -17.35
CA ALA A 40 -16.28 33.16 -18.15
C ALA A 40 -17.46 34.10 -17.89
N ALA A 41 -18.48 34.03 -18.74
CA ALA A 41 -19.60 34.98 -18.64
C ALA A 41 -20.60 34.67 -17.51
N SER A 42 -20.87 33.38 -17.27
CA SER A 42 -21.95 32.98 -16.35
C SER A 42 -21.76 33.42 -14.91
N GLN A 43 -20.50 33.39 -14.46
CA GLN A 43 -20.12 33.60 -13.07
C GLN A 43 -20.84 32.59 -12.18
N ARG A 44 -21.01 31.36 -12.68
CA ARG A 44 -21.62 30.28 -11.89
C ARG A 44 -20.81 28.97 -11.93
N MET A 45 -21.00 28.11 -10.93
CA MET A 45 -20.57 26.72 -11.05
C MET A 45 -21.37 26.08 -12.18
N GLU A 46 -20.68 25.39 -13.09
CA GLU A 46 -21.31 24.82 -14.26
C GLU A 46 -21.11 23.31 -14.32
N PRO A 47 -22.13 22.58 -14.84
CA PRO A 47 -22.02 21.12 -15.03
C PRO A 47 -21.01 20.70 -16.12
N ARG A 48 -20.28 19.60 -15.87
CA ARG A 48 -19.38 19.06 -16.93
C ARG A 48 -19.57 17.56 -17.15
N ALA A 49 -20.53 16.98 -16.44
CA ALA A 49 -20.93 15.59 -16.69
C ALA A 49 -22.46 15.53 -16.81
N PRO A 50 -23.00 14.57 -17.61
CA PRO A 50 -24.46 14.57 -17.77
C PRO A 50 -25.20 14.25 -16.47
N TRP A 51 -24.56 13.49 -15.58
CA TRP A 51 -25.23 13.01 -14.36
C TRP A 51 -25.38 14.07 -13.24
N ILE A 52 -24.65 15.17 -13.32
CA ILE A 52 -24.78 16.25 -12.33
C ILE A 52 -25.81 17.29 -12.82
N GLU A 53 -26.16 17.21 -14.10
CA GLU A 53 -27.08 18.19 -14.67
C GLU A 53 -28.47 18.12 -14.04
N GLN A 54 -28.81 17.01 -13.37
CA GLN A 54 -30.14 16.84 -12.80
C GLN A 54 -30.23 17.29 -11.34
N GLU A 55 -29.11 17.73 -10.77
CA GLU A 55 -29.16 18.45 -9.51
C GLU A 55 -30.01 19.70 -9.73
N GLY A 56 -30.84 20.03 -8.76
CA GLY A 56 -31.72 21.17 -8.91
C GLY A 56 -31.05 22.53 -8.74
N PRO A 57 -31.85 23.61 -8.83
CA PRO A 57 -31.41 24.98 -8.60
C PRO A 57 -30.77 25.26 -7.23
N GLU A 58 -31.23 24.63 -6.16
CA GLU A 58 -30.60 24.85 -4.85
C GLU A 58 -29.13 24.36 -4.86
N TYR A 59 -28.86 23.26 -5.54
CA TYR A 59 -27.49 22.78 -5.69
C TYR A 59 -26.59 23.81 -6.39
N TRP A 60 -27.05 24.29 -7.54
CA TRP A 60 -26.23 25.16 -8.39
C TRP A 60 -26.02 26.53 -7.77
N ASP A 61 -27.06 27.04 -7.11
CA ASP A 61 -26.96 28.30 -6.37
C ASP A 61 -25.98 28.21 -5.22
N GLY A 62 -26.11 27.13 -4.43
CA GLY A 62 -25.17 26.82 -3.35
C GLY A 62 -23.72 26.63 -3.76
N GLU A 63 -23.48 25.81 -4.79
CA GLU A 63 -22.12 25.63 -5.33
C GLU A 63 -21.50 26.94 -5.88
N THR A 64 -22.34 27.78 -6.49
CA THR A 64 -21.90 29.09 -7.02
C THR A 64 -21.47 29.99 -5.89
N ARG A 65 -22.27 30.00 -4.83
CA ARG A 65 -22.00 30.74 -3.60
C ARG A 65 -20.66 30.34 -2.99
N LYS A 66 -20.49 29.05 -2.75
CA LYS A 66 -19.24 28.56 -2.17
C LYS A 66 -17.97 28.82 -3.03
N VAL A 67 -18.06 28.63 -4.34
CA VAL A 67 -16.90 28.81 -5.22
C VAL A 67 -16.44 30.28 -5.40
N LYS A 68 -17.38 31.21 -5.25
CA LYS A 68 -17.04 32.64 -5.27
C LYS A 68 -16.32 33.01 -3.97
N ALA A 69 -16.74 32.38 -2.87
CA ALA A 69 -16.09 32.50 -1.57
C ALA A 69 -14.67 31.94 -1.60
N HIS A 70 -14.48 30.79 -2.24
CA HIS A 70 -13.15 30.23 -2.48
C HIS A 70 -12.30 31.21 -3.29
N SER A 71 -12.90 31.77 -4.33
CA SER A 71 -12.27 32.75 -5.22
C SER A 71 -11.80 33.99 -4.45
N GLN A 72 -12.68 34.53 -3.61
CA GLN A 72 -12.34 35.71 -2.81
C GLN A 72 -11.22 35.41 -1.81
N THR A 73 -11.33 34.27 -1.13
CA THR A 73 -10.27 33.77 -0.25
C THR A 73 -8.89 33.81 -0.94
N HIS A 74 -8.80 33.19 -2.12
CA HIS A 74 -7.57 33.14 -2.88
C HIS A 74 -7.02 34.48 -3.41
N ARG A 75 -7.92 35.36 -3.83
CA ARG A 75 -7.60 36.72 -4.19
C ARG A 75 -6.81 37.37 -3.03
N VAL A 76 -7.35 37.23 -1.82
CA VAL A 76 -6.75 37.81 -0.62
C VAL A 76 -5.40 37.16 -0.32
N ASP A 77 -5.37 35.82 -0.39
CA ASP A 77 -4.16 35.00 -0.15
C ASP A 77 -2.95 35.34 -1.03
N LEU A 78 -3.19 35.73 -2.30
CA LEU A 78 -2.08 36.13 -3.20
C LEU A 78 -1.30 37.35 -2.64
N GLY A 79 -2.04 38.28 -2.04
CA GLY A 79 -1.44 39.44 -1.41
C GLY A 79 -0.65 39.06 -0.17
N THR A 80 -1.22 38.16 0.65
CA THR A 80 -0.59 37.75 1.91
C THR A 80 0.77 37.11 1.63
N LEU A 81 0.79 36.24 0.61
CA LEU A 81 1.98 35.50 0.24
C LEU A 81 3.06 36.38 -0.40
N ARG A 82 2.65 37.35 -1.20
CA ARG A 82 3.57 38.30 -1.82
C ARG A 82 4.34 39.06 -0.72
N GLY A 83 3.64 39.40 0.36
CA GLY A 83 4.26 40.05 1.52
C GLY A 83 5.20 39.09 2.23
N TYR A 84 4.71 37.88 2.48
CA TYR A 84 5.48 36.88 3.23
C TYR A 84 6.85 36.64 2.61
N TYR A 85 6.89 36.61 1.28
CA TYR A 85 8.10 36.31 0.53
C TYR A 85 8.85 37.54 0.00
N ASN A 86 8.34 38.72 0.33
CA ASN A 86 8.93 40.02 0.00
C ASN A 86 9.15 40.21 -1.50
N GLN A 87 8.14 39.81 -2.28
CA GLN A 87 8.14 39.87 -3.73
C GLN A 87 7.54 41.18 -4.24
N SER A 88 7.95 41.58 -5.45
CA SER A 88 7.47 42.83 -6.04
C SER A 88 6.00 42.73 -6.44
N GLU A 89 5.34 43.88 -6.63
CA GLU A 89 3.92 43.91 -7.02
C GLU A 89 3.68 43.52 -8.48
N ALA A 90 4.76 43.46 -9.27
CA ALA A 90 4.66 43.39 -10.72
C ALA A 90 4.60 41.96 -11.29
N GLY A 91 5.08 40.98 -10.51
CA GLY A 91 5.22 39.61 -10.99
C GLY A 91 3.99 38.76 -10.78
N SER A 92 3.72 37.90 -11.75
CA SER A 92 2.61 36.94 -11.68
C SER A 92 2.95 35.75 -10.78
N HIS A 93 2.07 35.44 -9.83
CA HIS A 93 2.27 34.29 -8.94
C HIS A 93 1.06 33.35 -8.95
N THR A 94 1.28 32.13 -8.46
CA THR A 94 0.30 31.04 -8.53
C THR A 94 0.09 30.42 -7.17
N VAL A 95 -1.18 30.28 -6.81
CA VAL A 95 -1.61 29.50 -5.66
C VAL A 95 -2.49 28.35 -6.19
N GLN A 96 -2.19 27.15 -5.72
CA GLN A 96 -3.02 25.99 -5.96
C GLN A 96 -3.46 25.38 -4.65
N ARG A 97 -4.68 24.83 -4.66
CA ARG A 97 -5.31 24.18 -3.53
C ARG A 97 -6.02 22.92 -4.02
N MET A 98 -5.93 21.83 -3.26
CA MET A 98 -6.59 20.60 -3.62
C MET A 98 -7.10 19.99 -2.33
N TYR A 99 -8.36 19.57 -2.35
CA TYR A 99 -8.93 18.77 -1.28
C TYR A 99 -9.94 17.75 -1.79
N GLY A 100 -10.21 16.77 -0.95
CA GLY A 100 -11.26 15.81 -1.18
C GLY A 100 -11.03 14.57 -0.34
N CYS A 101 -11.70 13.48 -0.72
CA CYS A 101 -11.72 12.28 0.10
C CYS A 101 -11.66 11.02 -0.75
N ASP A 102 -11.16 9.95 -0.13
CA ASP A 102 -11.16 8.61 -0.70
C ASP A 102 -12.14 7.75 0.12
N VAL A 103 -12.88 6.88 -0.55
CA VAL A 103 -13.61 5.82 0.16
C VAL A 103 -13.09 4.48 -0.30
N GLY A 104 -13.22 3.47 0.57
CA GLY A 104 -12.79 2.12 0.23
C GLY A 104 -13.91 1.37 -0.44
N SER A 105 -13.70 0.08 -0.66
CA SER A 105 -14.72 -0.76 -1.27
C SER A 105 -16.01 -0.82 -0.42
N ASP A 106 -15.91 -0.42 0.86
CA ASP A 106 -17.09 -0.35 1.73
C ASP A 106 -17.82 1.01 1.63
N TRP A 107 -17.31 1.87 0.75
CA TRP A 107 -17.73 3.27 0.58
C TRP A 107 -17.72 4.08 1.88
N ARG A 108 -17.03 3.55 2.89
CA ARG A 108 -16.82 4.29 4.12
C ARG A 108 -15.50 5.05 4.01
N PHE A 109 -15.40 6.16 4.74
CA PHE A 109 -14.18 6.98 4.79
C PHE A 109 -12.91 6.14 4.78
N LEU A 110 -11.98 6.52 3.90
CA LEU A 110 -10.67 5.87 3.84
C LEU A 110 -9.55 6.88 4.16
N ARG A 111 -9.52 7.98 3.42
CA ARG A 111 -8.51 9.03 3.62
C ARG A 111 -9.05 10.39 3.21
N GLY A 112 -8.53 11.43 3.87
CA GLY A 112 -8.86 12.81 3.54
C GLY A 112 -7.60 13.60 3.20
N TYR A 113 -7.77 14.65 2.38
CA TYR A 113 -6.65 15.46 1.91
C TYR A 113 -7.02 16.93 1.89
N HIS A 114 -6.05 17.77 2.21
CA HIS A 114 -6.17 19.19 1.96
C HIS A 114 -4.79 19.80 1.82
N GLN A 115 -4.42 20.17 0.59
CA GLN A 115 -3.06 20.55 0.25
C GLN A 115 -3.04 21.93 -0.39
N TYR A 116 -1.97 22.67 -0.13
CA TYR A 116 -1.87 24.04 -0.60
C TYR A 116 -0.47 24.30 -1.13
N ALA A 117 -0.37 24.92 -2.30
CA ALA A 117 0.94 25.25 -2.92
C ALA A 117 1.07 26.73 -3.35
N TYR A 118 2.30 27.23 -3.32
CA TYR A 118 2.63 28.56 -3.84
C TYR A 118 3.75 28.49 -4.89
N ASP A 119 3.53 29.09 -6.05
CA ASP A 119 4.45 28.97 -7.19
C ASP A 119 5.04 27.55 -7.41
N GLY A 120 4.16 26.56 -7.46
CA GLY A 120 4.54 25.22 -7.92
C GLY A 120 5.16 24.32 -6.88
N LYS A 121 5.17 24.76 -5.63
CA LYS A 121 5.68 23.88 -4.58
C LYS A 121 4.86 23.89 -3.31
N ASP A 122 4.95 22.81 -2.55
CA ASP A 122 4.30 22.70 -1.23
C ASP A 122 4.41 23.94 -0.36
N TYR A 123 3.27 24.37 0.19
CA TYR A 123 3.24 25.48 1.15
C TYR A 123 2.78 24.99 2.52
N ILE A 124 1.54 24.52 2.60
CA ILE A 124 1.06 23.85 3.81
C ILE A 124 0.11 22.73 3.42
N ALA A 125 0.11 21.64 4.18
CA ALA A 125 -0.79 20.53 3.92
C ALA A 125 -1.34 19.96 5.22
N LEU A 126 -2.57 19.50 5.16
CA LEU A 126 -3.15 18.79 6.29
C LEU A 126 -2.55 17.37 6.31
N LYS A 127 -2.06 16.93 7.47
CA LYS A 127 -1.51 15.58 7.62
C LYS A 127 -2.62 14.52 7.59
N GLU A 128 -2.21 13.24 7.47
CA GLU A 128 -3.17 12.13 7.32
C GLU A 128 -4.19 12.03 8.44
N ASP A 129 -3.76 12.31 9.67
CA ASP A 129 -4.67 12.20 10.83
C ASP A 129 -5.75 13.28 10.83
N LEU A 130 -5.65 14.21 9.87
CA LEU A 130 -6.58 15.35 9.71
C LEU A 130 -6.67 16.24 10.96
N ARG A 131 -5.61 16.23 11.78
CA ARG A 131 -5.62 16.95 13.04
C ARG A 131 -4.44 17.92 13.17
N SER A 132 -3.45 17.78 12.29
CA SER A 132 -2.24 18.58 12.33
C SER A 132 -1.74 18.98 10.91
N TRP A 133 -0.77 19.87 10.86
CA TRP A 133 -0.33 20.46 9.59
C TRP A 133 1.15 20.21 9.32
N THR A 134 1.51 20.16 8.04
CA THR A 134 2.91 20.16 7.58
C THR A 134 3.20 21.47 6.86
N ALA A 135 4.03 22.31 7.48
CA ALA A 135 4.46 23.58 6.92
C ALA A 135 5.76 23.34 6.16
N ALA A 136 5.80 23.73 4.88
CA ALA A 136 6.97 23.44 4.05
C ALA A 136 8.18 24.32 4.33
N ASP A 137 7.95 25.55 4.79
CA ASP A 137 9.03 26.48 5.07
C ASP A 137 8.71 27.38 6.28
N MET A 138 9.49 28.44 6.46
CA MET A 138 9.35 29.33 7.61
C MET A 138 8.10 30.21 7.47
N ALA A 139 7.81 30.69 6.27
CA ALA A 139 6.57 31.46 6.00
C ALA A 139 5.32 30.65 6.39
N ALA A 140 5.31 29.37 6.00
CA ALA A 140 4.17 28.48 6.25
C ALA A 140 4.01 28.09 7.74
N GLN A 141 5.09 28.21 8.53
CA GLN A 141 5.00 27.98 9.98
C GLN A 141 4.10 29.06 10.66
N THR A 142 4.13 30.28 10.14
CA THR A 142 3.21 31.34 10.54
C THR A 142 1.75 30.96 10.25
N THR A 143 1.49 30.49 9.04
CA THR A 143 0.16 30.00 8.68
C THR A 143 -0.28 28.82 9.56
N LYS A 144 0.61 27.84 9.74
CA LYS A 144 0.37 26.70 10.63
C LYS A 144 -0.18 27.13 12.00
N HIS A 145 0.52 28.06 12.67
CA HIS A 145 0.09 28.57 13.99
C HIS A 145 -1.21 29.35 14.01
N LYS A 146 -1.40 30.20 13.00
CA LYS A 146 -2.69 30.85 12.72
C LYS A 146 -3.84 29.82 12.59
N TRP A 147 -3.63 28.83 11.72
CA TRP A 147 -4.64 27.80 11.47
C TRP A 147 -4.92 26.86 12.66
N GLU A 148 -3.89 26.55 13.45
CA GLU A 148 -4.11 25.82 14.69
C GLU A 148 -5.04 26.60 15.66
N ALA A 149 -4.76 27.90 15.84
CA ALA A 149 -5.49 28.70 16.83
C ALA A 149 -6.91 29.04 16.39
N ALA A 150 -7.17 28.97 15.09
CA ALA A 150 -8.50 29.18 14.53
C ALA A 150 -9.22 27.84 14.29
N HIS A 151 -8.58 26.73 14.66
CA HIS A 151 -9.15 25.38 14.55
C HIS A 151 -9.58 25.01 13.14
N VAL A 152 -8.75 25.35 12.16
CA VAL A 152 -9.05 25.10 10.74
C VAL A 152 -9.13 23.59 10.42
N ALA A 153 -8.24 22.81 11.05
CA ALA A 153 -8.21 21.35 10.91
C ALA A 153 -9.55 20.73 11.30
N GLU A 154 -10.09 21.13 12.44
CA GLU A 154 -11.35 20.58 12.96
C GLU A 154 -12.49 20.73 11.97
N GLN A 155 -12.63 21.93 11.40
CA GLN A 155 -13.68 22.21 10.42
C GLN A 155 -13.50 21.36 9.16
N LEU A 156 -12.28 21.29 8.64
CA LEU A 156 -12.01 20.46 7.45
C LEU A 156 -12.19 18.96 7.68
N ARG A 157 -11.81 18.49 8.86
CA ARG A 157 -11.95 17.08 9.22
C ARG A 157 -13.41 16.63 9.18
N ALA A 158 -14.31 17.49 9.66
CA ALA A 158 -15.73 17.18 9.69
C ALA A 158 -16.28 17.12 8.29
N TYR A 159 -15.81 18.00 7.41
CA TYR A 159 -16.17 17.95 6.00
C TYR A 159 -15.62 16.68 5.31
N LEU A 160 -14.31 16.45 5.45
CA LEU A 160 -13.61 15.38 4.74
C LEU A 160 -14.06 13.98 5.14
N GLU A 161 -14.42 13.81 6.40
CA GLU A 161 -14.86 12.51 6.92
C GLU A 161 -16.36 12.26 6.80
N GLY A 162 -17.15 13.34 6.73
CA GLY A 162 -18.62 13.28 6.73
C GLY A 162 -19.19 13.74 5.39
N THR A 163 -19.50 15.02 5.25
CA THR A 163 -20.12 15.48 4.01
C THR A 163 -19.39 15.11 2.71
N CYS A 164 -18.05 15.16 2.68
CA CYS A 164 -17.33 14.77 1.48
C CYS A 164 -17.70 13.34 1.05
N VAL A 165 -17.65 12.41 1.99
CA VAL A 165 -17.98 11.02 1.71
C VAL A 165 -19.47 10.78 1.34
N GLU A 166 -20.39 11.51 1.99
CA GLU A 166 -21.82 11.43 1.68
C GLU A 166 -22.13 11.85 0.25
N TRP A 167 -21.62 13.02 -0.15
CA TRP A 167 -21.75 13.49 -1.54
C TRP A 167 -21.07 12.57 -2.59
N LEU A 168 -19.86 12.08 -2.28
CA LEU A 168 -19.21 11.06 -3.14
C LEU A 168 -20.13 9.86 -3.38
N ARG A 169 -20.67 9.27 -2.29
CA ARG A 169 -21.70 8.23 -2.38
C ARG A 169 -22.91 8.57 -3.27
N ARG A 170 -23.48 9.76 -3.08
CA ARG A 170 -24.59 10.25 -3.93
C ARG A 170 -24.25 10.39 -5.41
N TYR A 171 -23.10 10.99 -5.74
CA TYR A 171 -22.64 11.11 -7.12
C TYR A 171 -22.42 9.71 -7.75
N LEU A 172 -21.84 8.79 -6.97
CA LEU A 172 -21.59 7.43 -7.46
C LEU A 172 -22.86 6.73 -7.89
N GLU A 173 -23.93 6.87 -7.10
CA GLU A 173 -25.21 6.23 -7.44
C GLU A 173 -25.98 6.98 -8.54
N ASN A 174 -26.03 8.31 -8.48
CA ASN A 174 -26.67 9.11 -9.52
C ASN A 174 -25.97 9.00 -10.88
N GLY A 175 -24.63 8.89 -10.87
CA GLY A 175 -23.86 8.67 -12.09
C GLY A 175 -23.39 7.24 -12.27
N LYS A 176 -24.18 6.29 -11.76
CA LYS A 176 -23.84 4.85 -11.78
C LYS A 176 -23.33 4.37 -13.15
N GLU A 177 -24.01 4.73 -14.23
CA GLU A 177 -23.63 4.18 -15.53
C GLU A 177 -22.35 4.78 -16.12
N THR A 178 -21.95 5.95 -15.64
CA THR A 178 -20.67 6.59 -15.99
C THR A 178 -19.57 6.18 -14.99
N LEU A 179 -19.83 6.35 -13.70
CA LEU A 179 -18.81 6.21 -12.64
C LEU A 179 -18.54 4.79 -12.17
N GLN A 180 -19.56 3.94 -12.17
CA GLN A 180 -19.40 2.57 -11.68
C GLN A 180 -19.13 1.56 -12.81
N ARG A 181 -18.72 2.08 -13.97
CA ARG A 181 -18.38 1.27 -15.12
C ARG A 181 -16.88 1.00 -15.11
N THR A 182 -16.48 -0.12 -15.67
CA THR A 182 -15.09 -0.33 -16.01
C THR A 182 -15.07 -0.71 -17.49
N ASP A 183 -14.31 0.05 -18.27
CA ASP A 183 -14.11 -0.22 -19.69
C ASP A 183 -12.72 -0.80 -19.89
N ALA A 184 -12.66 -2.10 -20.12
CA ALA A 184 -11.41 -2.80 -20.41
C ALA A 184 -10.74 -2.19 -21.64
N PRO A 185 -9.40 -2.11 -21.66
CA PRO A 185 -8.75 -1.61 -22.89
C PRO A 185 -9.01 -2.50 -24.10
N LYS A 186 -9.17 -1.87 -25.26
CA LYS A 186 -9.09 -2.59 -26.52
C LYS A 186 -7.60 -2.53 -26.86
N THR A 187 -7.01 -3.70 -27.11
CA THR A 187 -5.57 -3.78 -27.29
C THR A 187 -5.24 -4.34 -28.69
N HIS A 188 -4.04 -3.98 -29.17
CA HIS A 188 -3.49 -4.56 -30.39
C HIS A 188 -2.04 -4.12 -30.53
N MET A 189 -1.36 -4.72 -31.50
CA MET A 189 0.04 -4.40 -31.77
C MET A 189 0.19 -3.95 -33.19
N THR A 190 1.06 -2.97 -33.41
CA THR A 190 1.45 -2.58 -34.77
C THR A 190 2.93 -2.97 -35.00
N HIS A 191 3.27 -3.19 -36.27
CA HIS A 191 4.65 -3.55 -36.69
C HIS A 191 5.04 -2.60 -37.80
N HIS A 192 6.18 -1.93 -37.64
CA HIS A 192 6.69 -1.02 -38.66
C HIS A 192 8.21 -1.15 -38.80
N ALA A 193 8.68 -1.19 -40.05
CA ALA A 193 10.12 -1.33 -40.32
C ALA A 193 10.88 0.00 -40.22
N VAL A 194 11.84 0.05 -39.30
CA VAL A 194 12.70 1.24 -39.13
C VAL A 194 13.77 1.25 -40.22
N SER A 195 14.16 0.05 -40.64
CA SER A 195 15.09 -0.20 -41.74
C SER A 195 15.03 -1.67 -42.13
N ASP A 196 15.99 -2.09 -42.96
CA ASP A 196 16.14 -3.49 -43.36
C ASP A 196 16.41 -4.47 -42.20
N HIS A 197 16.90 -3.94 -41.08
CA HIS A 197 17.40 -4.77 -39.98
C HIS A 197 16.79 -4.43 -38.60
N GLU A 198 15.81 -3.53 -38.57
CA GLU A 198 15.12 -3.16 -37.32
C GLU A 198 13.67 -2.79 -37.55
N ALA A 199 12.81 -3.17 -36.59
CA ALA A 199 11.40 -2.84 -36.65
C ALA A 199 10.86 -2.39 -35.28
N THR A 200 9.81 -1.55 -35.31
CA THR A 200 9.12 -1.13 -34.10
C THR A 200 7.88 -2.01 -33.86
N LEU A 201 7.80 -2.60 -32.67
CA LEU A 201 6.56 -3.17 -32.18
C LEU A 201 5.97 -2.18 -31.16
N ARG A 202 4.75 -1.73 -31.44
CA ARG A 202 4.04 -0.83 -30.56
C ARG A 202 2.76 -1.51 -30.08
N CYS A 203 2.65 -1.64 -28.75
CA CYS A 203 1.52 -2.25 -28.09
C CYS A 203 0.55 -1.15 -27.66
N TRP A 204 -0.70 -1.23 -28.10
CA TRP A 204 -1.72 -0.21 -27.85
C TRP A 204 -2.80 -0.64 -26.86
N ALA A 205 -3.18 0.28 -25.97
CA ALA A 205 -4.38 0.12 -25.12
C ALA A 205 -5.27 1.33 -25.36
N LEU A 206 -6.51 1.10 -25.74
CA LEU A 206 -7.40 2.19 -26.13
C LEU A 206 -8.77 2.08 -25.49
N SER A 207 -9.43 3.23 -25.37
CA SER A 207 -10.82 3.30 -24.98
C SER A 207 -11.05 2.66 -23.57
N PHE A 208 -10.11 2.85 -22.65
CA PHE A 208 -10.25 2.27 -21.31
C PHE A 208 -10.65 3.28 -20.22
N TYR A 209 -11.23 2.77 -19.13
CA TYR A 209 -11.63 3.53 -17.96
C TYR A 209 -11.72 2.56 -16.75
N PRO A 210 -11.15 2.96 -15.59
CA PRO A 210 -10.45 4.23 -15.29
C PRO A 210 -9.05 4.36 -15.96
N ALA A 211 -8.36 5.47 -15.68
CA ALA A 211 -7.06 5.75 -16.32
C ALA A 211 -5.94 4.81 -15.86
N GLU A 212 -6.05 4.28 -14.62
CA GLU A 212 -5.03 3.38 -14.08
C GLU A 212 -4.78 2.14 -14.98
N ILE A 213 -3.54 1.99 -15.45
CA ILE A 213 -3.17 0.87 -16.33
C ILE A 213 -1.66 0.60 -16.24
N THR A 214 -1.25 -0.63 -16.51
CA THR A 214 0.16 -1.00 -16.64
C THR A 214 0.41 -1.73 -17.96
N LEU A 215 1.34 -1.16 -18.72
CA LEU A 215 1.80 -1.65 -20.02
C LEU A 215 3.30 -1.87 -20.01
N THR A 216 3.73 -3.11 -20.21
CA THR A 216 5.16 -3.41 -20.21
C THR A 216 5.54 -4.40 -21.33
N TRP A 217 6.81 -4.38 -21.72
CA TRP A 217 7.34 -5.34 -22.67
C TRP A 217 8.38 -6.22 -21.98
N GLN A 218 8.39 -7.51 -22.33
CA GLN A 218 9.48 -8.39 -21.94
C GLN A 218 10.17 -8.98 -23.17
N ARG A 219 11.43 -9.38 -23.02
CA ARG A 219 12.16 -10.15 -24.02
C ARG A 219 12.60 -11.43 -23.35
N ASP A 220 12.17 -12.56 -23.90
CA ASP A 220 12.35 -13.87 -23.24
C ASP A 220 12.00 -13.84 -21.74
N GLY A 221 10.92 -13.15 -21.40
CA GLY A 221 10.44 -13.11 -20.01
C GLY A 221 11.19 -12.17 -19.09
N GLU A 222 12.18 -11.45 -19.63
CA GLU A 222 12.95 -10.45 -18.89
C GLU A 222 12.44 -9.02 -19.13
N ASP A 223 12.35 -8.24 -18.06
CA ASP A 223 11.86 -6.86 -18.11
C ASP A 223 12.69 -5.97 -19.07
N GLN A 224 11.99 -5.25 -19.94
CA GLN A 224 12.65 -4.33 -20.88
C GLN A 224 12.44 -2.86 -20.48
N THR A 225 12.33 -2.61 -19.17
CA THR A 225 11.93 -1.28 -18.66
C THR A 225 12.79 -0.14 -19.21
N GLN A 226 14.11 -0.32 -19.17
CA GLN A 226 15.03 0.69 -19.68
C GLN A 226 15.13 0.78 -21.22
N ASP A 227 14.50 -0.12 -21.95
CA ASP A 227 14.55 -0.06 -23.43
C ASP A 227 13.16 0.03 -24.06
N THR A 228 12.18 0.43 -23.26
CA THR A 228 10.83 0.63 -23.75
C THR A 228 10.49 2.12 -23.86
N GLU A 229 9.90 2.50 -24.99
CA GLU A 229 9.35 3.83 -25.16
C GLU A 229 7.91 3.81 -24.64
N LEU A 230 7.65 4.51 -23.53
CA LEU A 230 6.36 4.48 -22.85
C LEU A 230 5.77 5.90 -22.84
N VAL A 231 4.56 6.09 -23.38
CA VAL A 231 3.97 7.43 -23.31
C VAL A 231 3.08 7.59 -22.07
N GLU A 232 2.97 8.80 -21.55
CA GLU A 232 2.00 9.08 -20.51
C GLU A 232 0.58 8.73 -20.97
N THR A 233 -0.19 8.15 -20.05
CA THR A 233 -1.61 7.91 -20.25
C THR A 233 -2.32 9.22 -20.59
N ARG A 234 -3.15 9.22 -21.65
CA ARG A 234 -3.68 10.46 -22.21
C ARG A 234 -5.18 10.37 -22.47
N PRO A 235 -5.91 11.47 -22.27
CA PRO A 235 -7.36 11.44 -22.52
C PRO A 235 -7.75 11.40 -24.01
N ALA A 236 -8.66 10.51 -24.35
CA ALA A 236 -9.21 10.46 -25.72
C ALA A 236 -10.16 11.62 -26.03
N GLY A 237 -10.71 12.27 -24.99
CA GLY A 237 -11.65 13.38 -25.17
C GLY A 237 -13.11 13.00 -24.99
N ASP A 238 -13.36 11.70 -24.95
CA ASP A 238 -14.71 11.17 -24.82
C ASP A 238 -14.89 10.50 -23.44
N GLY A 239 -13.99 10.82 -22.49
CA GLY A 239 -14.03 10.21 -21.14
C GLY A 239 -13.30 8.88 -21.00
N THR A 240 -12.69 8.40 -22.08
CA THR A 240 -11.81 7.22 -22.00
C THR A 240 -10.36 7.64 -22.13
N PHE A 241 -9.44 6.69 -21.90
CA PHE A 241 -8.01 6.95 -21.93
C PHE A 241 -7.30 6.04 -22.94
N GLN A 242 -6.05 6.41 -23.25
CA GLN A 242 -5.17 5.74 -24.22
C GLN A 242 -3.78 5.62 -23.61
N LYS A 243 -3.04 4.60 -24.04
CA LYS A 243 -1.62 4.46 -23.67
C LYS A 243 -0.94 3.51 -24.69
N TRP A 244 0.31 3.80 -25.02
CA TRP A 244 1.08 2.83 -25.79
C TRP A 244 2.49 2.61 -25.23
N ALA A 245 3.07 1.47 -25.57
CA ALA A 245 4.46 1.14 -25.21
C ALA A 245 5.13 0.49 -26.46
N ALA A 246 6.28 1.01 -26.88
CA ALA A 246 7.00 0.50 -28.06
C ALA A 246 8.42 -0.01 -27.74
N VAL A 247 8.88 -1.01 -28.50
CA VAL A 247 10.29 -1.45 -28.45
C VAL A 247 10.84 -1.53 -29.88
N VAL A 248 12.15 -1.33 -30.00
CA VAL A 248 12.88 -1.57 -31.28
C VAL A 248 13.50 -2.97 -31.26
N VAL A 249 13.12 -3.75 -32.27
CA VAL A 249 13.51 -5.14 -32.30
C VAL A 249 14.37 -5.41 -33.54
N PRO A 250 15.48 -6.13 -33.37
CA PRO A 250 16.26 -6.57 -34.52
C PRO A 250 15.42 -7.54 -35.34
N SER A 251 15.50 -7.44 -36.68
CA SER A 251 14.61 -8.23 -37.53
C SER A 251 14.87 -9.71 -37.30
N GLY A 252 13.79 -10.50 -37.30
CA GLY A 252 13.89 -11.90 -36.92
C GLY A 252 13.62 -12.17 -35.45
N GLN A 253 13.67 -11.13 -34.61
CA GLN A 253 13.50 -11.33 -33.17
C GLN A 253 12.10 -11.05 -32.60
N GLU A 254 11.09 -10.87 -33.46
CA GLU A 254 9.71 -10.57 -33.02
C GLU A 254 9.09 -11.51 -31.98
N GLN A 255 9.25 -12.82 -32.16
CA GLN A 255 8.67 -13.84 -31.27
C GLN A 255 9.25 -13.85 -29.86
N ARG A 256 10.40 -13.20 -29.66
CA ARG A 256 11.03 -13.08 -28.34
C ARG A 256 10.29 -12.09 -27.42
N TYR A 257 9.54 -11.16 -28.01
CA TYR A 257 8.99 -10.03 -27.22
C TYR A 257 7.51 -10.29 -26.87
N THR A 258 7.12 -9.90 -25.67
CA THR A 258 5.73 -10.00 -25.25
C THR A 258 5.31 -8.71 -24.58
N CYS A 259 4.09 -8.27 -24.91
CA CYS A 259 3.55 -7.10 -24.25
C CYS A 259 2.51 -7.56 -23.22
N HIS A 260 2.53 -6.92 -22.06
CA HIS A 260 1.77 -7.35 -20.91
C HIS A 260 0.87 -6.22 -20.47
N VAL A 261 -0.42 -6.50 -20.30
CA VAL A 261 -1.41 -5.46 -19.99
C VAL A 261 -2.20 -5.79 -18.74
N GLN A 262 -2.15 -4.89 -17.76
CA GLN A 262 -2.96 -5.03 -16.53
C GLN A 262 -3.93 -3.88 -16.46
N HIS A 263 -5.21 -4.21 -16.19
CA HIS A 263 -6.26 -3.19 -16.01
C HIS A 263 -7.45 -3.80 -15.25
N GLU A 264 -7.98 -3.01 -14.32
CA GLU A 264 -9.21 -3.32 -13.55
C GLU A 264 -10.31 -4.06 -14.33
N GLY A 265 -10.45 -3.73 -15.61
CA GLY A 265 -11.48 -4.29 -16.49
C GLY A 265 -11.19 -5.64 -17.14
N LEU A 266 -9.95 -6.11 -17.05
CA LEU A 266 -9.55 -7.41 -17.62
C LEU A 266 -9.65 -8.50 -16.57
N PRO A 267 -10.44 -9.57 -16.83
CA PRO A 267 -10.54 -10.67 -15.87
C PRO A 267 -9.18 -11.25 -15.55
N LYS A 268 -8.32 -11.33 -16.58
CA LYS A 268 -6.96 -11.82 -16.46
C LYS A 268 -6.01 -10.85 -17.14
N PRO A 269 -4.79 -10.69 -16.58
CA PRO A 269 -3.84 -9.84 -17.31
C PRO A 269 -3.51 -10.48 -18.65
N LEU A 270 -3.29 -9.64 -19.68
CA LEU A 270 -3.04 -10.12 -21.04
C LEU A 270 -1.56 -10.11 -21.39
N THR A 271 -1.19 -11.10 -22.20
CA THR A 271 0.13 -11.22 -22.76
C THR A 271 -0.07 -11.34 -24.27
N LEU A 272 0.48 -10.36 -24.99
CA LEU A 272 0.36 -10.25 -26.44
C LEU A 272 1.73 -10.47 -27.06
N ARG A 273 1.76 -11.24 -28.14
CA ARG A 273 3.00 -11.49 -28.89
C ARG A 273 2.71 -11.30 -30.37
N TRP A 274 3.69 -10.77 -31.09
CA TRP A 274 3.67 -10.79 -32.57
C TRP A 274 4.01 -12.19 -33.09
N GLU A 275 3.03 -12.84 -33.72
CA GLU A 275 3.20 -14.11 -34.50
C GLU A 275 4.12 -15.25 -34.01
N MET B 1 11.74 31.17 -9.44
CA MET B 1 10.53 30.31 -9.14
C MET B 1 10.46 29.09 -10.07
N ILE B 2 9.68 28.10 -9.65
CA ILE B 2 9.52 26.84 -10.40
C ILE B 2 8.99 27.04 -11.83
N GLN B 3 9.67 26.38 -12.79
CA GLN B 3 9.25 26.32 -14.19
C GLN B 3 9.49 24.91 -14.72
N ARG B 4 8.45 24.32 -15.30
CA ARG B 4 8.50 22.96 -15.84
C ARG B 4 8.02 23.03 -17.28
N THR B 5 8.75 22.37 -18.18
CA THR B 5 8.44 22.34 -19.59
C THR B 5 7.25 21.42 -19.86
N PRO B 6 6.34 21.85 -20.76
CA PRO B 6 5.23 20.94 -21.10
C PRO B 6 5.67 19.72 -21.90
N LYS B 7 5.11 18.57 -21.56
CA LYS B 7 5.20 17.38 -22.40
C LYS B 7 4.07 17.55 -23.39
N ILE B 8 4.23 17.04 -24.61
CA ILE B 8 3.28 17.33 -25.66
C ILE B 8 2.99 16.04 -26.41
N GLN B 9 1.71 15.68 -26.52
CA GLN B 9 1.27 14.53 -27.36
C GLN B 9 0.20 14.99 -28.35
N VAL B 10 0.40 14.69 -29.63
CA VAL B 10 -0.59 14.97 -30.70
C VAL B 10 -1.11 13.68 -31.27
N TYR B 11 -2.43 13.49 -31.21
CA TYR B 11 -3.05 12.22 -31.56
C TYR B 11 -4.51 12.45 -31.89
N SER B 12 -5.12 11.46 -32.54
CA SER B 12 -6.56 11.41 -32.75
C SER B 12 -7.31 10.56 -31.68
N ARG B 13 -8.56 10.93 -31.44
CA ARG B 13 -9.45 10.20 -30.52
C ARG B 13 -9.66 8.76 -30.93
N HIS B 14 -9.95 8.56 -32.22
CA HIS B 14 -10.20 7.26 -32.79
C HIS B 14 -9.06 6.95 -33.75
N PRO B 15 -8.83 5.65 -34.00
CA PRO B 15 -7.90 5.27 -35.08
C PRO B 15 -8.17 6.06 -36.38
N ALA B 16 -7.14 6.66 -36.96
CA ALA B 16 -7.28 7.57 -38.10
C ALA B 16 -7.63 6.82 -39.36
N GLU B 17 -8.76 7.16 -39.97
CA GLU B 17 -9.17 6.54 -41.23
C GLU B 17 -9.51 7.63 -42.22
N ASN B 18 -8.83 7.62 -43.37
CA ASN B 18 -9.04 8.66 -44.38
C ASN B 18 -10.52 8.82 -44.75
N GLY B 19 -11.02 10.05 -44.66
CA GLY B 19 -12.39 10.34 -45.01
C GLY B 19 -13.42 10.17 -43.90
N LYS B 20 -12.98 9.78 -42.71
CA LYS B 20 -13.89 9.58 -41.60
C LYS B 20 -13.68 10.57 -40.46
N SER B 21 -14.76 11.21 -40.01
CA SER B 21 -14.72 12.21 -38.95
C SER B 21 -14.09 11.68 -37.66
N ASN B 22 -13.42 12.58 -36.94
CA ASN B 22 -12.57 12.23 -35.81
C ASN B 22 -12.35 13.50 -35.00
N PHE B 23 -11.51 13.41 -33.97
CA PHE B 23 -11.06 14.59 -33.26
C PHE B 23 -9.54 14.52 -33.24
N LEU B 24 -8.90 15.65 -33.46
CA LEU B 24 -7.46 15.81 -33.33
C LEU B 24 -7.16 16.44 -31.96
N ASN B 25 -6.27 15.81 -31.20
CA ASN B 25 -5.99 16.19 -29.82
C ASN B 25 -4.55 16.64 -29.71
N CYS B 26 -4.32 17.65 -28.86
CA CYS B 26 -3.00 17.99 -28.37
C CYS B 26 -3.07 18.06 -26.84
N TYR B 27 -2.45 17.06 -26.21
CA TYR B 27 -2.43 16.97 -24.75
C TYR B 27 -1.10 17.56 -24.24
N VAL B 28 -1.20 18.56 -23.38
CA VAL B 28 0.00 19.22 -22.82
C VAL B 28 -0.07 19.03 -21.32
N SER B 29 1.04 18.59 -20.75
CA SER B 29 1.05 18.15 -19.37
C SER B 29 2.42 18.39 -18.74
N GLY B 30 2.47 18.31 -17.41
CA GLY B 30 3.72 18.54 -16.67
C GLY B 30 4.28 19.94 -16.64
N PHE B 31 3.49 20.93 -16.99
CA PHE B 31 4.02 22.30 -17.03
C PHE B 31 3.70 23.22 -15.84
N HIS B 32 4.51 24.27 -15.73
CA HIS B 32 4.33 25.30 -14.69
C HIS B 32 5.22 26.45 -15.10
N PRO B 33 4.74 27.71 -15.00
CA PRO B 33 3.39 28.07 -14.55
C PRO B 33 2.30 27.77 -15.62
N SER B 34 1.07 28.20 -15.34
CA SER B 34 -0.07 27.83 -16.17
C SER B 34 -0.20 28.60 -17.49
N ASP B 35 0.42 29.76 -17.63
CA ASP B 35 0.30 30.50 -18.90
C ASP B 35 0.95 29.70 -20.04
N ILE B 36 0.17 29.38 -21.08
CA ILE B 36 0.63 28.52 -22.17
C ILE B 36 -0.17 28.86 -23.44
N GLU B 37 0.48 28.80 -24.60
CA GLU B 37 -0.19 28.96 -25.90
C GLU B 37 -0.12 27.66 -26.71
N VAL B 38 -1.26 27.18 -27.18
CA VAL B 38 -1.33 25.91 -27.91
C VAL B 38 -2.18 26.10 -29.17
N ASP B 39 -1.62 25.78 -30.32
CA ASP B 39 -2.37 25.85 -31.58
C ASP B 39 -2.31 24.52 -32.31
N LEU B 40 -3.42 24.17 -32.93
CA LEU B 40 -3.41 23.06 -33.87
C LEU B 40 -3.27 23.63 -35.29
N LEU B 41 -2.45 22.97 -36.09
CA LEU B 41 -2.14 23.47 -37.44
C LEU B 41 -2.53 22.44 -38.47
N LYS B 42 -3.03 22.92 -39.59
CA LYS B 42 -3.34 22.09 -40.74
C LYS B 42 -2.51 22.69 -41.85
N ASN B 43 -1.59 21.89 -42.37
CA ASN B 43 -0.71 22.35 -43.44
C ASN B 43 -0.04 23.70 -43.09
N GLY B 44 0.45 23.77 -41.87
CA GLY B 44 1.18 24.93 -41.37
C GLY B 44 0.34 26.03 -40.78
N GLU B 45 -0.97 25.92 -40.92
CA GLU B 45 -1.86 27.06 -40.64
C GLU B 45 -2.75 26.85 -39.43
N ARG B 46 -2.88 27.89 -38.62
CA ARG B 46 -3.62 27.81 -37.36
C ARG B 46 -5.07 27.43 -37.64
N ILE B 47 -5.50 26.34 -37.01
CA ILE B 47 -6.92 25.96 -37.03
C ILE B 47 -7.74 26.87 -36.10
N GLU B 48 -8.77 27.48 -36.66
CA GLU B 48 -9.60 28.48 -35.97
C GLU B 48 -10.51 27.96 -34.85
N LYS B 49 -11.27 26.89 -35.08
CA LYS B 49 -12.14 26.40 -34.02
C LYS B 49 -11.53 25.26 -33.22
N VAL B 50 -10.87 25.63 -32.13
CA VAL B 50 -10.19 24.70 -31.27
C VAL B 50 -10.65 25.01 -29.86
N GLU B 51 -11.10 23.97 -29.17
CA GLU B 51 -11.51 24.11 -27.79
C GLU B 51 -10.46 23.55 -26.84
N HIS B 52 -10.65 23.79 -25.54
CA HIS B 52 -9.79 23.14 -24.57
C HIS B 52 -10.52 22.75 -23.27
N SER B 53 -9.93 21.81 -22.56
CA SER B 53 -10.43 21.34 -21.26
C SER B 53 -10.20 22.43 -20.20
N ASP B 54 -10.83 22.25 -19.04
CA ASP B 54 -10.69 23.16 -17.91
C ASP B 54 -9.35 22.89 -17.22
N LEU B 55 -8.63 23.95 -16.91
CA LEU B 55 -7.31 23.85 -16.31
C LEU B 55 -7.35 23.03 -15.02
N SER B 56 -6.51 21.99 -14.97
CA SER B 56 -6.41 21.14 -13.78
C SER B 56 -4.95 20.78 -13.56
N PHE B 57 -4.66 20.08 -12.45
CA PHE B 57 -3.28 19.70 -12.14
C PHE B 57 -3.13 18.34 -11.46
N SER B 58 -1.91 17.81 -11.55
CA SER B 58 -1.53 16.51 -11.00
C SER B 58 -1.00 16.65 -9.56
N LYS B 59 -0.74 15.49 -8.94
CA LYS B 59 -0.21 15.40 -7.59
C LYS B 59 1.01 16.26 -7.35
N ASP B 60 1.86 16.44 -8.37
CA ASP B 60 3.08 17.25 -8.24
C ASP B 60 2.86 18.75 -8.52
N TRP B 61 1.59 19.17 -8.68
CA TRP B 61 1.20 20.57 -8.95
C TRP B 61 1.29 21.00 -10.41
N SER B 62 1.86 20.15 -11.27
CA SER B 62 2.05 20.54 -12.67
C SER B 62 0.71 20.47 -13.37
N PHE B 63 0.49 21.41 -14.30
CA PHE B 63 -0.76 21.58 -15.02
C PHE B 63 -0.86 20.66 -16.21
N TYR B 64 -2.10 20.36 -16.60
CA TYR B 64 -2.41 19.64 -17.85
C TYR B 64 -3.68 20.22 -18.53
N LEU B 65 -3.65 20.24 -19.88
CA LEU B 65 -4.75 20.70 -20.72
C LEU B 65 -4.88 19.80 -21.95
N LEU B 66 -6.12 19.62 -22.39
CA LEU B 66 -6.41 18.96 -23.66
C LEU B 66 -6.98 19.97 -24.65
N TYR B 67 -6.27 20.18 -25.76
CA TYR B 67 -6.77 20.98 -26.86
C TYR B 67 -7.29 20.07 -27.95
N TYR B 68 -8.44 20.40 -28.53
CA TYR B 68 -9.04 19.50 -29.50
C TYR B 68 -9.94 20.17 -30.54
N THR B 69 -10.13 19.48 -31.66
CA THR B 69 -10.95 19.99 -32.74
C THR B 69 -11.46 18.84 -33.60
N GLU B 70 -12.65 19.01 -34.18
CA GLU B 70 -13.19 18.02 -35.11
C GLU B 70 -12.28 18.03 -36.33
N PHE B 71 -12.02 16.86 -36.92
CA PHE B 71 -11.34 16.84 -38.24
C PHE B 71 -11.63 15.57 -39.02
N THR B 72 -11.46 15.67 -40.34
CA THR B 72 -11.53 14.51 -41.23
C THR B 72 -10.18 14.32 -41.90
N PRO B 73 -9.39 13.34 -41.42
CA PRO B 73 -8.07 13.14 -42.02
C PRO B 73 -8.15 12.64 -43.46
N THR B 74 -7.14 13.04 -44.24
CA THR B 74 -6.95 12.61 -45.61
C THR B 74 -5.55 12.02 -45.79
N GLU B 75 -5.29 11.49 -46.99
CA GLU B 75 -3.98 10.94 -47.30
C GLU B 75 -2.92 12.05 -47.19
N LYS B 76 -3.25 13.22 -47.74
CA LYS B 76 -2.24 14.26 -47.91
C LYS B 76 -2.11 15.35 -46.84
N ASP B 77 -3.19 15.68 -46.14
CA ASP B 77 -3.14 16.77 -45.15
C ASP B 77 -2.22 16.40 -44.01
N GLU B 78 -1.46 17.39 -43.56
CA GLU B 78 -0.51 17.21 -42.50
C GLU B 78 -1.00 18.02 -41.31
N TYR B 79 -0.91 17.44 -40.12
CA TYR B 79 -1.33 18.16 -38.91
C TYR B 79 -0.20 18.27 -37.89
N ALA B 80 -0.21 19.35 -37.10
CA ALA B 80 0.77 19.55 -36.02
C ALA B 80 0.15 20.26 -34.84
N CYS B 81 0.88 20.27 -33.72
CA CYS B 81 0.54 21.07 -32.54
C CYS B 81 1.71 22.04 -32.31
N ARG B 82 1.40 23.31 -32.09
CA ARG B 82 2.43 24.31 -31.81
C ARG B 82 2.23 24.93 -30.42
N VAL B 83 3.25 24.76 -29.57
CA VAL B 83 3.17 25.12 -28.15
C VAL B 83 4.20 26.19 -27.78
N ASN B 84 3.77 27.23 -27.06
CA ASN B 84 4.73 28.17 -26.45
C ASN B 84 4.50 28.27 -24.95
N HIS B 85 5.62 28.45 -24.22
CA HIS B 85 5.65 28.48 -22.76
C HIS B 85 6.97 29.16 -22.35
N VAL B 86 6.99 29.75 -21.16
CA VAL B 86 8.19 30.44 -20.67
C VAL B 86 9.47 29.58 -20.71
N THR B 87 9.31 28.25 -20.63
CA THR B 87 10.45 27.34 -20.59
C THR B 87 11.06 27.10 -21.99
N LEU B 88 10.35 27.52 -23.03
CA LEU B 88 10.77 27.25 -24.40
C LEU B 88 11.39 28.49 -25.05
N SER B 89 12.57 28.33 -25.66
CA SER B 89 13.30 29.42 -26.31
C SER B 89 12.55 29.91 -27.54
N GLN B 90 11.86 28.98 -28.19
CA GLN B 90 10.93 29.26 -29.28
C GLN B 90 9.81 28.20 -29.28
N PRO B 91 8.70 28.48 -30.00
CA PRO B 91 7.55 27.58 -30.05
C PRO B 91 7.94 26.15 -30.47
N LYS B 92 7.47 25.16 -29.72
CA LYS B 92 7.74 23.77 -30.07
C LYS B 92 6.66 23.26 -31.02
N ILE B 93 7.06 22.73 -32.18
CA ILE B 93 6.13 22.14 -33.14
C ILE B 93 6.28 20.62 -33.16
N VAL B 94 5.16 19.93 -32.91
CA VAL B 94 5.13 18.48 -32.94
C VAL B 94 4.15 18.05 -34.01
N LYS B 95 4.61 17.23 -34.95
CA LYS B 95 3.78 16.74 -36.06
C LYS B 95 2.93 15.57 -35.60
N TRP B 96 1.70 15.54 -36.09
CA TRP B 96 0.83 14.42 -35.90
C TRP B 96 1.33 13.23 -36.74
N ASP B 97 1.57 12.10 -36.07
CA ASP B 97 1.87 10.83 -36.71
C ASP B 97 0.72 9.87 -36.38
N ARG B 98 0.14 9.20 -37.39
CA ARG B 98 -1.08 8.40 -37.14
C ARG B 98 -0.89 7.10 -36.29
N ASP B 99 0.32 6.55 -36.24
CA ASP B 99 0.59 5.46 -35.30
C ASP B 99 1.34 5.89 -34.05
N MET B 100 1.04 7.07 -33.52
CA MET B 100 1.60 7.54 -32.23
C MET B 100 0.58 8.34 -31.37
N SER C 1 -19.78 18.08 -3.53
CA SER C 1 -20.18 19.41 -2.98
C SER C 1 -18.99 20.06 -2.23
N LEU C 2 -18.77 21.36 -2.47
CA LEU C 2 -17.62 22.09 -1.90
C LEU C 2 -17.74 22.26 -0.38
N PHE C 3 -16.59 22.41 0.26
CA PHE C 3 -16.46 22.83 1.66
C PHE C 3 -17.09 24.22 1.79
N ASN C 4 -17.83 24.45 2.88
CA ASN C 4 -18.64 25.66 3.04
C ASN C 4 -17.90 26.82 3.72
N THR C 5 -16.78 26.50 4.38
CA THR C 5 -16.10 27.50 5.22
C THR C 5 -14.57 27.53 5.01
N VAL C 6 -14.15 27.92 3.81
CA VAL C 6 -12.74 28.05 3.44
C VAL C 6 -12.09 29.32 4.03
N ALA C 7 -11.03 29.14 4.83
CA ALA C 7 -10.42 30.26 5.57
C ALA C 7 -9.17 30.82 4.86
N THR C 8 -8.92 32.12 5.03
CA THR C 8 -7.73 32.79 4.50
C THR C 8 -6.50 32.37 5.28
N LEU C 9 -5.32 32.57 4.68
CA LEU C 9 -4.05 32.30 5.36
C LEU C 9 -3.88 33.26 6.54
N TYR C 10 -4.15 34.54 6.33
CA TYR C 10 -4.10 35.53 7.42
C TYR C 10 -5.28 35.38 8.39
N GLY D 1 1.45 3.10 7.06
CA GLY D 1 2.53 2.45 6.26
C GLY D 1 2.08 1.15 5.60
N SER D 2 3.02 0.23 5.37
CA SER D 2 2.77 -1.01 4.64
C SER D 2 1.99 -2.08 5.41
N HIS D 3 1.38 -3.02 4.67
CA HIS D 3 0.61 -4.12 5.25
C HIS D 3 0.82 -5.41 4.46
N SER D 4 0.53 -6.53 5.13
CA SER D 4 0.64 -7.85 4.56
C SER D 4 -0.52 -8.72 5.04
N MET D 5 -0.90 -9.68 4.20
CA MET D 5 -1.73 -10.82 4.60
C MET D 5 -0.95 -12.13 4.38
N ARG D 6 -0.99 -13.02 5.37
CA ARG D 6 -0.23 -14.27 5.29
C ARG D 6 -1.00 -15.39 5.93
N TYR D 7 -1.00 -16.54 5.24
CA TYR D 7 -1.41 -17.82 5.82
C TYR D 7 -0.21 -18.78 5.99
N PHE D 8 -0.24 -19.51 7.12
CA PHE D 8 0.79 -20.48 7.56
C PHE D 8 0.11 -21.83 7.81
N PHE D 9 0.69 -22.88 7.22
CA PHE D 9 0.15 -24.25 7.23
C PHE D 9 1.20 -25.20 7.72
N THR D 10 0.87 -26.02 8.71
CA THR D 10 1.79 -27.03 9.21
C THR D 10 1.06 -28.37 9.18
N SER D 11 1.66 -29.39 8.57
CA SER D 11 1.14 -30.75 8.63
C SER D 11 2.24 -31.67 9.17
N VAL D 12 1.89 -32.53 10.13
CA VAL D 12 2.84 -33.42 10.76
C VAL D 12 2.28 -34.85 10.73
N SER D 13 2.99 -35.77 10.05
CA SER D 13 2.60 -37.18 10.06
C SER D 13 2.76 -37.82 11.43
N ARG D 14 1.83 -38.74 11.74
CA ARG D 14 1.77 -39.48 13.00
C ARG D 14 1.60 -40.99 12.72
N PRO D 15 2.68 -41.66 12.26
CA PRO D 15 2.68 -43.09 11.91
C PRO D 15 2.01 -44.01 12.93
N GLY D 16 1.13 -44.88 12.43
CA GLY D 16 0.36 -45.79 13.26
C GLY D 16 -0.69 -45.11 14.12
N ARG D 17 -0.81 -43.78 14.01
CA ARG D 17 -1.74 -43.03 14.86
C ARG D 17 -2.81 -42.31 14.04
N GLY D 18 -3.00 -42.76 12.81
CA GLY D 18 -4.08 -42.27 11.97
C GLY D 18 -3.67 -41.11 11.08
N GLU D 19 -4.51 -40.09 11.02
CA GLU D 19 -4.32 -39.02 10.07
C GLU D 19 -3.32 -37.99 10.62
N PRO D 20 -2.58 -37.33 9.73
CA PRO D 20 -1.60 -36.31 10.12
C PRO D 20 -2.23 -35.09 10.78
N ARG D 21 -1.50 -34.45 11.69
CA ARG D 21 -1.97 -33.23 12.30
C ARG D 21 -1.90 -32.11 11.25
N PHE D 22 -2.93 -31.26 11.19
CA PHE D 22 -2.96 -30.11 10.28
C PHE D 22 -3.43 -28.84 11.00
N ILE D 23 -2.59 -27.81 10.95
CA ILE D 23 -2.87 -26.52 11.56
C ILE D 23 -2.69 -25.40 10.53
N ALA D 24 -3.75 -24.60 10.37
CA ALA D 24 -3.70 -23.39 9.55
C ALA D 24 -3.97 -22.14 10.40
N VAL D 25 -3.23 -21.06 10.11
CA VAL D 25 -3.44 -19.75 10.75
C VAL D 25 -3.31 -18.63 9.74
N GLY D 26 -4.13 -17.61 9.90
CA GLY D 26 -4.13 -16.46 9.02
C GLY D 26 -3.79 -15.20 9.83
N TYR D 27 -2.95 -14.35 9.24
CA TYR D 27 -2.52 -13.07 9.86
C TYR D 27 -2.76 -11.90 8.89
N VAL D 28 -3.16 -10.76 9.44
CA VAL D 28 -2.97 -9.49 8.76
C VAL D 28 -1.94 -8.78 9.62
N ASP D 29 -0.79 -8.47 9.02
CA ASP D 29 0.34 -7.89 9.74
C ASP D 29 0.69 -8.79 10.92
N ASP D 30 0.75 -8.22 12.12
CA ASP D 30 1.12 -9.00 13.28
C ASP D 30 -0.09 -9.46 14.09
N THR D 31 -1.28 -9.47 13.46
CA THR D 31 -2.52 -9.82 14.16
C THR D 31 -3.10 -11.10 13.56
N GLN D 32 -3.19 -12.17 14.36
CA GLN D 32 -3.90 -13.38 13.91
C GLN D 32 -5.41 -13.12 13.76
N PHE D 33 -6.03 -13.66 12.71
CA PHE D 33 -7.47 -13.48 12.54
C PHE D 33 -8.29 -14.78 12.34
N VAL D 34 -7.64 -15.87 11.89
CA VAL D 34 -8.31 -17.16 11.71
C VAL D 34 -7.43 -18.36 12.11
N ARG D 35 -8.09 -19.49 12.37
CA ARG D 35 -7.41 -20.73 12.60
C ARG D 35 -8.28 -21.91 12.16
N PHE D 36 -7.61 -23.02 11.83
CA PHE D 36 -8.16 -24.37 11.70
C PHE D 36 -7.19 -25.34 12.35
N ASP D 37 -7.72 -26.23 13.18
CA ASP D 37 -6.96 -27.31 13.82
C ASP D 37 -7.65 -28.63 13.54
N SER D 38 -6.97 -29.51 12.81
CA SER D 38 -7.50 -30.83 12.45
C SER D 38 -7.97 -31.63 13.67
N ASP D 39 -7.39 -31.32 14.83
CA ASP D 39 -7.69 -32.10 16.03
C ASP D 39 -8.84 -31.56 16.87
N ALA D 40 -9.26 -30.33 16.60
CA ALA D 40 -10.31 -29.66 17.39
C ALA D 40 -11.70 -30.16 17.03
N ALA D 41 -12.68 -29.82 17.87
CA ALA D 41 -14.04 -30.30 17.77
C ALA D 41 -14.79 -29.84 16.52
N SER D 42 -14.66 -28.56 16.15
CA SER D 42 -15.58 -27.95 15.17
C SER D 42 -15.39 -28.37 13.72
N GLN D 43 -14.17 -28.75 13.36
CA GLN D 43 -13.81 -29.04 11.97
C GLN D 43 -14.17 -27.88 11.05
N ARG D 44 -14.06 -26.65 11.58
CA ARG D 44 -14.32 -25.44 10.82
C ARG D 44 -13.19 -24.42 10.94
N MET D 45 -13.06 -23.54 9.95
CA MET D 45 -12.26 -22.33 10.11
C MET D 45 -12.95 -21.48 11.19
N GLU D 46 -12.17 -20.93 12.12
CA GLU D 46 -12.70 -20.22 13.29
C GLU D 46 -12.10 -18.81 13.40
N PRO D 47 -12.90 -17.83 13.90
CA PRO D 47 -12.38 -16.47 14.05
C PRO D 47 -11.42 -16.41 15.24
N ARG D 48 -10.39 -15.59 15.13
CA ARG D 48 -9.47 -15.36 16.25
C ARG D 48 -9.25 -13.86 16.48
N ALA D 49 -10.03 -13.04 15.78
CA ALA D 49 -10.05 -11.60 15.99
C ALA D 49 -11.49 -11.09 15.97
N PRO D 50 -11.80 -10.05 16.77
CA PRO D 50 -13.19 -9.58 16.78
C PRO D 50 -13.71 -9.03 15.44
N TRP D 51 -12.83 -8.39 14.66
CA TRP D 51 -13.26 -7.77 13.39
C TRP D 51 -13.64 -8.76 12.26
N ILE D 52 -13.25 -10.02 12.37
CA ILE D 52 -13.62 -11.03 11.39
C ILE D 52 -14.96 -11.74 11.74
N GLU D 53 -15.36 -11.66 13.02
CA GLU D 53 -16.60 -12.30 13.46
C GLU D 53 -17.83 -11.77 12.72
N GLN D 54 -17.69 -10.60 12.11
CA GLN D 54 -18.80 -9.96 11.35
C GLN D 54 -19.07 -10.64 10.01
N GLU D 55 -18.06 -11.33 9.47
CA GLU D 55 -18.23 -12.03 8.22
C GLU D 55 -19.38 -13.03 8.41
N GLY D 56 -20.20 -13.15 7.38
CA GLY D 56 -21.38 -14.00 7.50
C GLY D 56 -21.10 -15.47 7.30
N PRO D 57 -22.14 -16.33 7.37
CA PRO D 57 -22.03 -17.78 7.18
C PRO D 57 -21.42 -18.20 5.84
N GLU D 58 -21.66 -17.42 4.79
CA GLU D 58 -21.09 -17.68 3.46
C GLU D 58 -19.55 -17.64 3.52
N TYR D 59 -19.02 -16.63 4.21
CA TYR D 59 -17.57 -16.53 4.40
C TYR D 59 -17.02 -17.77 5.11
N TRP D 60 -17.65 -18.15 6.23
CA TRP D 60 -17.12 -19.21 7.08
C TRP D 60 -17.26 -20.59 6.43
N ASP D 61 -18.39 -20.82 5.79
CA ASP D 61 -18.57 -22.07 5.02
C ASP D 61 -17.50 -22.18 3.94
N GLY D 62 -17.29 -21.11 3.19
CA GLY D 62 -16.31 -21.12 2.10
C GLY D 62 -14.89 -21.28 2.60
N GLU D 63 -14.53 -20.59 3.69
CA GLU D 63 -13.16 -20.75 4.25
C GLU D 63 -12.95 -22.15 4.79
N THR D 64 -13.97 -22.70 5.45
CA THR D 64 -13.96 -24.10 5.92
C THR D 64 -13.72 -25.10 4.79
N ARG D 65 -14.47 -24.94 3.70
CA ARG D 65 -14.31 -25.76 2.50
C ARG D 65 -12.87 -25.72 1.98
N LYS D 66 -12.36 -24.51 1.75
CA LYS D 66 -11.02 -24.35 1.21
C LYS D 66 -9.92 -24.86 2.15
N VAL D 67 -10.09 -24.66 3.46
CA VAL D 67 -9.08 -25.13 4.41
C VAL D 67 -9.01 -26.68 4.55
N LYS D 68 -10.15 -27.36 4.40
CA LYS D 68 -10.18 -28.82 4.32
C LYS D 68 -9.47 -29.29 3.02
N ALA D 69 -9.71 -28.57 1.93
CA ALA D 69 -9.03 -28.85 0.67
C ALA D 69 -7.50 -28.78 0.82
N HIS D 70 -7.01 -27.77 1.55
CA HIS D 70 -5.60 -27.60 1.88
C HIS D 70 -5.12 -28.80 2.70
N SER D 71 -5.91 -29.16 3.71
CA SER D 71 -5.65 -30.32 4.56
C SER D 71 -5.46 -31.59 3.73
N GLN D 72 -6.41 -31.87 2.83
CA GLN D 72 -6.32 -33.04 1.95
C GLN D 72 -5.02 -33.03 1.16
N THR D 73 -4.70 -31.89 0.53
CA THR D 73 -3.49 -31.74 -0.27
C THR D 73 -2.26 -32.10 0.53
N HIS D 74 -2.15 -31.53 1.72
CA HIS D 74 -1.06 -31.85 2.62
C HIS D 74 -0.98 -33.31 3.08
N ARG D 75 -2.13 -33.93 3.33
CA ARG D 75 -2.21 -35.36 3.65
C ARG D 75 -1.53 -36.17 2.53
N VAL D 76 -1.88 -35.84 1.29
CA VAL D 76 -1.40 -36.54 0.13
C VAL D 76 0.09 -36.27 -0.10
N ASP D 77 0.49 -35.01 0.11
CA ASP D 77 1.86 -34.55 -0.06
C ASP D 77 2.87 -35.23 0.87
N LEU D 78 2.46 -35.54 2.11
CA LEU D 78 3.33 -36.27 3.06
C LEU D 78 3.82 -37.63 2.51
N GLY D 79 2.95 -38.30 1.76
CA GLY D 79 3.27 -39.62 1.19
C GLY D 79 4.19 -39.48 -0.01
N THR D 80 3.86 -38.54 -0.89
CA THR D 80 4.70 -38.21 -2.05
C THR D 80 6.16 -37.97 -1.65
N LEU D 81 6.36 -37.09 -0.67
CA LEU D 81 7.70 -36.75 -0.14
C LEU D 81 8.43 -37.91 0.52
N ARG D 82 7.73 -38.68 1.33
CA ARG D 82 8.26 -39.93 1.90
C ARG D 82 8.82 -40.86 0.79
N GLY D 83 8.09 -41.00 -0.31
CA GLY D 83 8.53 -41.75 -1.46
C GLY D 83 9.73 -41.12 -2.16
N TYR D 84 9.67 -39.79 -2.33
CA TYR D 84 10.73 -39.06 -3.03
C TYR D 84 12.08 -39.19 -2.32
N TYR D 85 12.06 -39.27 -0.99
CA TYR D 85 13.26 -39.37 -0.17
C TYR D 85 13.58 -40.77 0.35
N ASN D 86 12.82 -41.77 -0.09
CA ASN D 86 13.05 -43.18 0.29
C ASN D 86 13.06 -43.37 1.80
N GLN D 87 12.13 -42.69 2.48
CA GLN D 87 12.03 -42.72 3.92
C GLN D 87 11.04 -43.77 4.39
N SER D 88 11.28 -44.31 5.59
CA SER D 88 10.41 -45.34 6.14
C SER D 88 9.09 -44.76 6.61
N GLU D 89 8.08 -45.63 6.77
CA GLU D 89 6.75 -45.22 7.20
C GLU D 89 6.63 -45.05 8.72
N ALA D 90 7.67 -45.43 9.45
CA ALA D 90 7.69 -45.37 10.92
C ALA D 90 8.03 -43.98 11.51
N GLY D 91 8.54 -43.08 10.69
CA GLY D 91 8.99 -41.77 11.18
C GLY D 91 7.97 -40.67 10.98
N SER D 92 8.00 -39.69 11.90
CA SER D 92 7.21 -38.48 11.75
C SER D 92 7.98 -37.41 10.96
N HIS D 93 7.27 -36.75 10.07
CA HIS D 93 7.82 -35.71 9.19
C HIS D 93 6.91 -34.48 9.11
N THR D 94 7.48 -33.33 8.77
CA THR D 94 6.78 -32.04 8.75
C THR D 94 6.77 -31.41 7.37
N VAL D 95 5.60 -30.97 6.94
CA VAL D 95 5.51 -30.06 5.79
C VAL D 95 4.98 -28.70 6.27
N GLN D 96 5.54 -27.63 5.72
CA GLN D 96 5.07 -26.29 6.01
C GLN D 96 4.91 -25.56 4.70
N ARG D 97 3.92 -24.67 4.68
CA ARG D 97 3.58 -23.85 3.51
C ARG D 97 3.23 -22.46 3.99
N MET D 98 3.70 -21.43 3.30
CA MET D 98 3.30 -20.08 3.65
C MET D 98 3.07 -19.35 2.34
N TYR D 99 1.94 -18.64 2.27
CA TYR D 99 1.70 -17.72 1.16
C TYR D 99 1.02 -16.43 1.58
N GLY D 100 1.15 -15.41 0.73
CA GLY D 100 0.48 -14.13 0.96
C GLY D 100 1.03 -12.98 0.15
N CYS D 101 0.62 -11.77 0.51
CA CYS D 101 0.89 -10.60 -0.28
C CYS D 101 1.25 -9.38 0.61
N ASP D 102 2.08 -8.49 0.07
CA ASP D 102 2.37 -7.22 0.73
C ASP D 102 1.81 -6.07 -0.14
N VAL D 103 1.29 -5.04 0.51
CA VAL D 103 0.98 -3.76 -0.14
C VAL D 103 1.77 -2.66 0.57
N GLY D 104 1.96 -1.52 -0.11
CA GLY D 104 2.55 -0.34 0.50
C GLY D 104 1.55 0.53 1.26
N SER D 105 1.92 1.78 1.54
CA SER D 105 1.07 2.69 2.29
C SER D 105 -0.09 3.25 1.49
N ASP D 106 -0.05 3.03 0.16
CA ASP D 106 -1.15 3.38 -0.76
C ASP D 106 -2.06 2.17 -1.05
N TRP D 107 -1.82 1.09 -0.32
CA TRP D 107 -2.55 -0.18 -0.38
C TRP D 107 -2.50 -0.91 -1.72
N ARG D 108 -1.49 -0.57 -2.52
CA ARG D 108 -1.26 -1.21 -3.80
C ARG D 108 -0.19 -2.31 -3.71
N PHE D 109 -0.39 -3.37 -4.50
CA PHE D 109 0.47 -4.56 -4.51
C PHE D 109 1.95 -4.21 -4.60
N LEU D 110 2.74 -4.79 -3.70
CA LEU D 110 4.18 -4.62 -3.67
C LEU D 110 4.88 -5.93 -4.11
N ARG D 111 4.47 -7.04 -3.50
CA ARG D 111 4.97 -8.37 -3.84
C ARG D 111 4.14 -9.51 -3.24
N GLY D 112 4.31 -10.69 -3.84
CA GLY D 112 3.60 -11.93 -3.47
C GLY D 112 4.61 -13.02 -3.13
N TYR D 113 4.17 -13.97 -2.30
CA TYR D 113 5.03 -15.05 -1.76
C TYR D 113 4.33 -16.38 -1.80
N HIS D 114 5.03 -17.44 -2.17
CA HIS D 114 4.53 -18.80 -1.93
C HIS D 114 5.69 -19.78 -1.73
N GLN D 115 5.82 -20.28 -0.50
CA GLN D 115 6.97 -21.04 -0.09
C GLN D 115 6.55 -22.36 0.56
N TYR D 116 7.35 -23.39 0.31
CA TYR D 116 7.04 -24.74 0.78
C TYR D 116 8.30 -25.37 1.34
N ALA D 117 8.18 -26.04 2.50
CA ALA D 117 9.31 -26.70 3.15
C ALA D 117 9.01 -28.13 3.62
N TYR D 118 10.01 -29.00 3.55
CA TYR D 118 9.88 -30.36 4.07
C TYR D 118 10.90 -30.55 5.19
N ASP D 119 10.43 -30.97 6.37
CA ASP D 119 11.30 -31.14 7.57
C ASP D 119 12.20 -29.93 7.89
N GLY D 120 11.63 -28.72 7.86
CA GLY D 120 12.34 -27.54 8.35
C GLY D 120 13.29 -26.88 7.37
N LYS D 121 13.34 -27.37 6.13
CA LYS D 121 14.21 -26.79 5.10
C LYS D 121 13.48 -26.49 3.81
N ASP D 122 13.94 -25.47 3.08
CA ASP D 122 13.40 -25.14 1.75
C ASP D 122 13.18 -26.38 0.87
N TYR D 123 11.98 -26.51 0.31
CA TYR D 123 11.71 -27.51 -0.73
C TYR D 123 11.53 -26.84 -2.09
N ILE D 124 10.44 -26.08 -2.24
CA ILE D 124 10.21 -25.30 -3.45
C ILE D 124 9.56 -23.96 -3.11
N ALA D 125 9.87 -22.93 -3.90
CA ALA D 125 9.34 -21.58 -3.67
C ALA D 125 9.09 -20.87 -4.98
N LEU D 126 8.01 -20.12 -5.02
CA LEU D 126 7.70 -19.25 -6.14
C LEU D 126 8.74 -18.11 -6.08
N LYS D 127 9.25 -17.69 -7.24
CA LYS D 127 10.18 -16.54 -7.27
C LYS D 127 9.40 -15.22 -7.24
N GLU D 128 10.10 -14.11 -7.00
CA GLU D 128 9.41 -12.80 -6.89
C GLU D 128 8.65 -12.37 -8.15
N ASP D 129 9.12 -12.80 -9.32
CA ASP D 129 8.42 -12.48 -10.57
C ASP D 129 7.08 -13.22 -10.60
N LEU D 130 6.94 -14.17 -9.69
CA LEU D 130 5.73 -15.00 -9.54
C LEU D 130 5.42 -15.85 -10.75
N ARG D 131 6.45 -16.14 -11.56
CA ARG D 131 6.25 -16.87 -12.81
C ARG D 131 7.05 -18.16 -12.90
N SER D 132 8.08 -18.27 -12.05
CA SER D 132 8.98 -19.41 -12.06
C SER D 132 9.31 -19.82 -10.62
N TRP D 133 9.90 -21.00 -10.47
CA TRP D 133 10.08 -21.71 -9.20
C TRP D 133 11.56 -21.91 -8.87
N THR D 134 11.90 -21.82 -7.59
CA THR D 134 13.23 -22.21 -7.10
C THR D 134 13.14 -23.57 -6.42
N ALA D 135 13.73 -24.58 -7.04
CA ALA D 135 13.75 -25.93 -6.48
C ALA D 135 14.98 -26.10 -5.58
N ALA D 136 14.79 -26.47 -4.31
CA ALA D 136 15.90 -26.55 -3.35
C ALA D 136 16.87 -27.67 -3.63
N ASP D 137 16.37 -28.79 -4.17
CA ASP D 137 17.19 -29.97 -4.40
C ASP D 137 16.68 -30.75 -5.60
N MET D 138 17.27 -31.92 -5.85
CA MET D 138 16.95 -32.75 -6.99
C MET D 138 15.49 -33.24 -6.98
N ALA D 139 15.00 -33.68 -5.83
CA ALA D 139 13.60 -34.13 -5.70
C ALA D 139 12.61 -33.01 -6.04
N ALA D 140 12.91 -31.80 -5.60
CA ALA D 140 12.05 -30.65 -5.88
C ALA D 140 12.07 -30.24 -7.37
N GLN D 141 13.11 -30.64 -8.08
CA GLN D 141 13.17 -30.42 -9.53
C GLN D 141 12.06 -31.19 -10.26
N THR D 142 11.76 -32.41 -9.80
CA THR D 142 10.54 -33.14 -10.21
C THR D 142 9.24 -32.34 -10.03
N THR D 143 9.03 -31.84 -8.82
CA THR D 143 7.88 -30.99 -8.51
C THR D 143 7.84 -29.73 -9.40
N LYS D 144 9.00 -29.09 -9.55
CA LYS D 144 9.15 -27.90 -10.41
C LYS D 144 8.65 -28.14 -11.84
N HIS D 145 9.06 -29.24 -12.47
CA HIS D 145 8.59 -29.52 -13.85
C HIS D 145 7.13 -29.93 -13.96
N LYS D 146 6.64 -30.70 -13.00
CA LYS D 146 5.21 -31.01 -12.91
C LYS D 146 4.39 -29.72 -12.77
N TRP D 147 4.76 -28.87 -11.82
CA TRP D 147 4.05 -27.64 -11.59
C TRP D 147 4.15 -26.64 -12.75
N GLU D 148 5.27 -26.65 -13.48
CA GLU D 148 5.36 -25.87 -14.75
C GLU D 148 4.33 -26.35 -15.78
N ALA D 149 4.18 -27.67 -15.91
CA ALA D 149 3.30 -28.28 -16.94
C ALA D 149 1.83 -28.19 -16.57
N ALA D 150 1.58 -27.84 -15.31
CA ALA D 150 0.24 -27.76 -14.76
C ALA D 150 -0.12 -26.31 -14.51
N HIS D 151 0.80 -25.41 -14.84
CA HIS D 151 0.59 -23.96 -14.80
C HIS D 151 0.17 -23.47 -13.41
N VAL D 152 0.69 -24.14 -12.40
CA VAL D 152 0.39 -23.82 -11.01
C VAL D 152 0.75 -22.37 -10.63
N ALA D 153 1.82 -21.83 -11.24
CA ALA D 153 2.27 -20.46 -10.98
C ALA D 153 1.27 -19.43 -11.48
N GLU D 154 0.61 -19.76 -12.58
CA GLU D 154 -0.39 -18.88 -13.18
C GLU D 154 -1.59 -18.68 -12.24
N GLN D 155 -2.04 -19.75 -11.61
CA GLN D 155 -3.16 -19.70 -10.66
C GLN D 155 -2.81 -18.96 -9.37
N LEU D 156 -1.65 -19.26 -8.80
CA LEU D 156 -1.09 -18.52 -7.66
C LEU D 156 -0.89 -17.03 -7.92
N ARG D 157 -0.29 -16.69 -9.05
CA ARG D 157 -0.06 -15.29 -9.41
C ARG D 157 -1.35 -14.47 -9.44
N ALA D 158 -2.41 -15.04 -10.03
CA ALA D 158 -3.70 -14.35 -10.10
C ALA D 158 -4.31 -14.12 -8.71
N TYR D 159 -4.21 -15.11 -7.83
CA TYR D 159 -4.59 -14.93 -6.42
C TYR D 159 -3.75 -13.87 -5.66
N LEU D 160 -2.42 -14.00 -5.72
CA LEU D 160 -1.52 -13.20 -4.91
C LEU D 160 -1.56 -11.71 -5.29
N GLU D 161 -1.63 -11.46 -6.59
CA GLU D 161 -1.69 -10.10 -7.11
C GLU D 161 -3.10 -9.53 -7.08
N GLY D 162 -4.11 -10.37 -6.85
CA GLY D 162 -5.48 -9.97 -7.09
C GLY D 162 -6.29 -10.14 -5.85
N THR D 163 -6.87 -11.33 -5.72
CA THR D 163 -7.77 -11.63 -4.61
C THR D 163 -7.13 -11.47 -3.22
N CYS D 164 -5.85 -11.84 -3.09
CA CYS D 164 -5.10 -11.58 -1.87
C CYS D 164 -5.11 -10.09 -1.45
N VAL D 165 -4.79 -9.19 -2.39
CA VAL D 165 -4.73 -7.75 -2.09
C VAL D 165 -6.10 -7.15 -1.82
N GLU D 166 -7.11 -7.58 -2.58
CA GLU D 166 -8.51 -7.18 -2.38
C GLU D 166 -9.04 -7.59 -1.00
N TRP D 167 -8.77 -8.81 -0.58
CA TRP D 167 -9.17 -9.23 0.77
C TRP D 167 -8.39 -8.53 1.88
N LEU D 168 -7.09 -8.33 1.68
CA LEU D 168 -6.27 -7.57 2.63
C LEU D 168 -6.85 -6.16 2.83
N ARG D 169 -7.16 -5.44 1.74
CA ARG D 169 -7.81 -4.12 1.83
C ARG D 169 -9.15 -4.17 2.57
N ARG D 170 -9.97 -5.19 2.27
CA ARG D 170 -11.24 -5.37 2.96
C ARG D 170 -11.06 -5.55 4.47
N TYR D 171 -10.10 -6.40 4.85
CA TYR D 171 -9.80 -6.65 6.28
C TYR D 171 -9.31 -5.39 6.99
N LEU D 172 -8.41 -4.68 6.33
CA LEU D 172 -7.87 -3.40 6.85
C LEU D 172 -8.99 -2.42 7.17
N GLU D 173 -9.96 -2.33 6.25
CA GLU D 173 -11.11 -1.43 6.36
C GLU D 173 -12.03 -1.89 7.50
N ASN D 174 -12.47 -3.16 7.45
CA ASN D 174 -13.41 -3.70 8.43
C ASN D 174 -12.82 -3.75 9.85
N GLY D 175 -11.50 -3.93 9.93
CA GLY D 175 -10.80 -4.01 11.21
C GLY D 175 -9.97 -2.78 11.53
N LYS D 176 -10.43 -1.62 11.04
CA LYS D 176 -9.70 -0.34 11.14
C LYS D 176 -9.14 0.02 12.53
N GLU D 177 -9.98 -0.04 13.57
CA GLU D 177 -9.53 0.30 14.92
C GLU D 177 -8.37 -0.59 15.43
N THR D 178 -8.32 -1.83 14.96
CA THR D 178 -7.26 -2.77 15.36
C THR D 178 -6.07 -2.63 14.40
N LEU D 179 -6.35 -2.71 13.11
CA LEU D 179 -5.33 -2.94 12.08
C LEU D 179 -4.63 -1.70 11.54
N GLN D 180 -5.33 -0.58 11.52
CA GLN D 180 -4.77 0.67 11.01
C GLN D 180 -4.20 1.52 12.13
N ARG D 181 -4.12 0.95 13.32
CA ARG D 181 -3.60 1.69 14.47
C ARG D 181 -2.09 1.52 14.52
N THR D 182 -1.39 2.54 14.99
CA THR D 182 -0.02 2.31 15.44
C THR D 182 0.10 2.76 16.90
N ASP D 183 0.59 1.85 17.73
CA ASP D 183 0.76 2.09 19.15
C ASP D 183 2.25 2.34 19.34
N ALA D 184 2.62 3.58 19.67
CA ALA D 184 4.03 3.88 19.96
C ALA D 184 4.46 3.16 21.26
N PRO D 185 5.72 2.67 21.32
CA PRO D 185 6.15 2.08 22.59
C PRO D 185 6.14 3.08 23.75
N LYS D 186 5.69 2.61 24.90
CA LYS D 186 5.98 3.30 26.16
C LYS D 186 7.35 2.83 26.67
N THR D 187 8.23 3.78 26.93
CA THR D 187 9.63 3.46 27.24
C THR D 187 10.03 3.92 28.62
N HIS D 188 10.91 3.13 29.25
CA HIS D 188 11.51 3.48 30.54
C HIS D 188 12.77 2.67 30.78
N MET D 189 13.53 3.10 31.78
CA MET D 189 14.80 2.45 32.07
C MET D 189 14.75 1.99 33.52
N THR D 190 15.30 0.82 33.80
CA THR D 190 15.49 0.38 35.18
C THR D 190 16.99 0.33 35.48
N HIS D 191 17.34 0.46 36.76
CA HIS D 191 18.71 0.41 37.22
C HIS D 191 18.79 -0.53 38.42
N HIS D 192 19.67 -1.52 38.37
CA HIS D 192 19.82 -2.53 39.42
C HIS D 192 21.29 -2.87 39.67
N ALA D 193 21.70 -2.86 40.94
CA ALA D 193 23.10 -3.20 41.27
C ALA D 193 23.38 -4.70 41.23
N VAL D 194 24.37 -5.08 40.44
CA VAL D 194 24.86 -6.47 40.37
C VAL D 194 25.90 -6.70 41.47
N SER D 195 26.65 -5.65 41.78
CA SER D 195 27.63 -5.64 42.84
C SER D 195 27.84 -4.18 43.28
N ASP D 196 28.82 -3.96 44.15
CA ASP D 196 29.17 -2.60 44.56
C ASP D 196 29.91 -1.83 43.46
N HIS D 197 30.34 -2.54 42.41
CA HIS D 197 31.14 -1.96 41.34
C HIS D 197 30.48 -1.99 39.95
N GLU D 198 29.36 -2.70 39.81
CA GLU D 198 28.61 -2.76 38.54
C GLU D 198 27.10 -2.75 38.73
N ALA D 199 26.38 -2.22 37.73
CA ALA D 199 24.93 -2.18 37.70
C ALA D 199 24.38 -2.50 36.32
N THR D 200 23.19 -3.08 36.29
CA THR D 200 22.45 -3.32 35.04
C THR D 200 21.53 -2.13 34.72
N LEU D 201 21.69 -1.57 33.52
CA LEU D 201 20.69 -0.68 32.99
C LEU D 201 19.87 -1.43 31.95
N ARG D 202 18.56 -1.41 32.11
CA ARG D 202 17.72 -2.09 31.16
C ARG D 202 16.70 -1.12 30.57
N CYS D 203 16.71 -1.04 29.25
CA CYS D 203 15.85 -0.15 28.51
C CYS D 203 14.65 -0.94 27.98
N TRP D 204 13.44 -0.51 28.36
CA TRP D 204 12.21 -1.21 28.06
C TRP D 204 11.37 -0.51 27.02
N ALA D 205 10.81 -1.30 26.10
CA ALA D 205 9.77 -0.81 25.17
C ALA D 205 8.54 -1.72 25.37
N LEU D 206 7.39 -1.12 25.65
CA LEU D 206 6.19 -1.86 26.05
C LEU D 206 4.95 -1.41 25.30
N SER D 207 4.01 -2.35 25.10
CA SER D 207 2.66 -2.02 24.61
C SER D 207 2.68 -1.36 23.22
N PHE D 208 3.59 -1.80 22.35
CA PHE D 208 3.67 -1.25 21.00
C PHE D 208 3.07 -2.17 19.94
N TYR D 209 2.71 -1.55 18.81
CA TYR D 209 2.17 -2.28 17.64
C TYR D 209 2.44 -1.34 16.46
N PRO D 210 2.93 -1.90 15.32
CA PRO D 210 3.23 -3.31 15.08
C PRO D 210 4.52 -3.77 15.78
N ALA D 211 4.86 -5.05 15.59
CA ALA D 211 6.02 -5.65 16.29
C ALA D 211 7.38 -5.07 15.90
N GLU D 212 7.56 -4.68 14.64
CA GLU D 212 8.83 -4.10 14.16
C GLU D 212 9.32 -2.95 15.06
N ILE D 213 10.54 -3.11 15.61
CA ILE D 213 11.16 -2.15 16.49
C ILE D 213 12.71 -2.32 16.47
N THR D 214 13.41 -1.24 16.80
CA THR D 214 14.85 -1.27 16.99
C THR D 214 15.21 -0.58 18.30
N LEU D 215 16.06 -1.25 19.06
CA LEU D 215 16.41 -0.85 20.41
C LEU D 215 17.91 -1.11 20.53
N THR D 216 18.68 -0.07 20.78
CA THR D 216 20.13 -0.21 20.83
C THR D 216 20.73 0.63 21.95
N TRP D 217 21.92 0.23 22.39
CA TRP D 217 22.67 0.98 23.42
C TRP D 217 23.93 1.57 22.76
N GLN D 218 24.27 2.81 23.11
CA GLN D 218 25.59 3.37 22.80
C GLN D 218 26.29 3.77 24.09
N ARG D 219 27.62 3.71 24.09
CA ARG D 219 28.46 4.31 25.14
C ARG D 219 29.32 5.39 24.50
N ASP D 220 29.17 6.63 24.96
CA ASP D 220 29.76 7.78 24.27
C ASP D 220 29.55 7.72 22.74
N GLY D 221 28.36 7.33 22.33
CA GLY D 221 28.00 7.31 20.90
C GLY D 221 28.46 6.11 20.08
N GLU D 222 29.24 5.23 20.69
CA GLU D 222 29.74 4.05 19.97
C GLU D 222 28.81 2.87 20.27
N ASP D 223 28.38 2.18 19.22
CA ASP D 223 27.41 1.10 19.34
C ASP D 223 27.98 -0.02 20.19
N GLN D 224 27.12 -0.59 21.03
CA GLN D 224 27.52 -1.61 22.01
C GLN D 224 26.93 -2.98 21.63
N THR D 225 26.87 -3.27 20.34
CA THR D 225 26.22 -4.51 19.86
C THR D 225 26.68 -5.76 20.62
N GLN D 226 28.00 -5.93 20.67
CA GLN D 226 28.60 -7.10 21.26
C GLN D 226 28.49 -7.16 22.78
N ASP D 227 28.08 -6.05 23.40
CA ASP D 227 28.02 -5.97 24.85
C ASP D 227 26.60 -5.66 25.37
N THR D 228 25.59 -5.96 24.57
CA THR D 228 24.19 -5.73 24.94
C THR D 228 23.46 -7.07 24.99
N GLU D 229 22.67 -7.29 26.06
CA GLU D 229 21.75 -8.43 26.14
C GLU D 229 20.43 -7.96 25.55
N LEU D 230 20.05 -8.54 24.41
CA LEU D 230 18.90 -8.06 23.63
C LEU D 230 17.91 -9.21 23.49
N VAL D 231 16.69 -9.05 24.03
CA VAL D 231 15.73 -10.17 23.91
C VAL D 231 14.92 -10.09 22.62
N GLU D 232 14.47 -11.25 22.13
CA GLU D 232 13.55 -11.28 20.98
C GLU D 232 12.25 -10.51 21.33
N THR D 233 11.76 -9.74 20.37
CA THR D 233 10.45 -9.12 20.48
C THR D 233 9.40 -10.20 20.77
N ARG D 234 8.58 -9.96 21.80
CA ARG D 234 7.68 -10.99 22.35
C ARG D 234 6.23 -10.44 22.52
N PRO D 235 5.22 -11.30 22.31
CA PRO D 235 3.84 -10.85 22.45
C PRO D 235 3.43 -10.69 23.91
N ALA D 236 2.70 -9.61 24.19
CA ALA D 236 2.18 -9.38 25.53
C ALA D 236 0.95 -10.24 25.80
N GLY D 237 0.30 -10.68 24.73
CA GLY D 237 -0.92 -11.50 24.85
C GLY D 237 -2.19 -10.69 24.63
N ASP D 238 -2.05 -9.37 24.58
CA ASP D 238 -3.20 -8.50 24.33
C ASP D 238 -3.21 -7.83 22.93
N GLY D 239 -2.40 -8.33 22.00
CA GLY D 239 -2.27 -7.70 20.67
C GLY D 239 -1.13 -6.69 20.54
N THR D 240 -0.42 -6.46 21.65
CA THR D 240 0.77 -5.60 21.68
C THR D 240 2.03 -6.42 21.92
N PHE D 241 3.19 -5.75 21.78
CA PHE D 241 4.50 -6.37 21.85
C PHE D 241 5.43 -5.70 22.87
N GLN D 242 6.46 -6.44 23.29
CA GLN D 242 7.44 -5.99 24.30
C GLN D 242 8.85 -6.31 23.79
N LYS D 243 9.83 -5.53 24.24
CA LYS D 243 11.23 -5.83 23.99
C LYS D 243 12.07 -5.09 25.04
N TRP D 244 13.20 -5.68 25.42
CA TRP D 244 14.17 -4.90 26.17
C TRP D 244 15.60 -5.18 25.75
N ALA D 245 16.47 -4.25 26.13
CA ALA D 245 17.90 -4.34 25.88
C ALA D 245 18.64 -3.92 27.17
N ALA D 246 19.60 -4.71 27.62
CA ALA D 246 20.33 -4.38 28.85
C ALA D 246 21.83 -4.26 28.65
N VAL D 247 22.43 -3.36 29.42
CA VAL D 247 23.90 -3.26 29.49
C VAL D 247 24.39 -3.34 30.95
N VAL D 248 25.58 -3.91 31.14
CA VAL D 248 26.21 -3.93 32.48
C VAL D 248 27.25 -2.82 32.48
N VAL D 249 27.05 -1.85 33.37
CA VAL D 249 27.84 -0.64 33.40
C VAL D 249 28.65 -0.55 34.71
N PRO D 250 29.93 -0.13 34.60
CA PRO D 250 30.73 0.09 35.81
C PRO D 250 30.21 1.30 36.59
N SER D 251 30.22 1.21 37.93
CA SER D 251 29.56 2.24 38.75
C SER D 251 30.14 3.63 38.50
N GLY D 252 29.28 4.64 38.39
CA GLY D 252 29.70 6.00 38.07
C GLY D 252 29.69 6.29 36.58
N GLN D 253 29.47 5.26 35.77
CA GLN D 253 29.49 5.38 34.31
C GLN D 253 28.11 5.45 33.61
N GLU D 254 27.05 5.53 34.40
CA GLU D 254 25.66 5.58 33.89
C GLU D 254 25.43 6.64 32.81
N GLN D 255 25.93 7.85 33.04
CA GLN D 255 25.66 8.98 32.12
C GLN D 255 26.33 8.80 30.77
N ARG D 256 27.25 7.84 30.66
CA ARG D 256 27.95 7.58 29.40
C ARG D 256 27.05 6.89 28.36
N TYR D 257 25.97 6.26 28.84
CA TYR D 257 25.24 5.28 28.05
C TYR D 257 23.91 5.86 27.60
N THR D 258 23.58 5.66 26.33
CA THR D 258 22.26 6.05 25.81
C THR D 258 21.55 4.86 25.16
N CYS D 259 20.23 4.80 25.35
CA CYS D 259 19.39 3.81 24.70
C CYS D 259 18.65 4.51 23.58
N HIS D 260 18.54 3.86 22.44
CA HIS D 260 17.95 4.46 21.26
C HIS D 260 16.79 3.60 20.79
N VAL D 261 15.64 4.22 20.54
CA VAL D 261 14.40 3.55 20.17
C VAL D 261 13.84 4.06 18.84
N GLN D 262 13.59 3.14 17.90
CA GLN D 262 12.99 3.48 16.62
C GLN D 262 11.75 2.63 16.41
N HIS D 263 10.62 3.28 16.11
CA HIS D 263 9.37 2.59 15.89
C HIS D 263 8.48 3.47 15.01
N GLU D 264 7.72 2.85 14.11
CA GLU D 264 6.76 3.55 13.24
C GLU D 264 5.93 4.64 13.96
N GLY D 265 5.55 4.35 15.21
CA GLY D 265 4.73 5.28 15.99
C GLY D 265 5.43 6.46 16.62
N LEU D 266 6.77 6.52 16.49
CA LEU D 266 7.57 7.66 16.97
C LEU D 266 8.02 8.53 15.80
N PRO D 267 7.60 9.80 15.79
CA PRO D 267 7.93 10.68 14.66
C PRO D 267 9.45 10.88 14.50
N LYS D 268 10.15 10.90 15.63
CA LYS D 268 11.61 10.92 15.68
C LYS D 268 12.06 9.80 16.60
N PRO D 269 13.23 9.21 16.32
CA PRO D 269 13.72 8.16 17.23
C PRO D 269 14.08 8.76 18.59
N LEU D 270 13.87 8.00 19.66
CA LEU D 270 14.11 8.49 21.02
C LEU D 270 15.54 8.19 21.47
N THR D 271 16.07 9.06 22.30
CA THR D 271 17.31 8.80 23.02
C THR D 271 16.96 8.90 24.51
N LEU D 272 17.26 7.84 25.26
CA LEU D 272 17.06 7.79 26.71
C LEU D 272 18.45 7.61 27.35
N ARG D 273 18.70 8.40 28.40
CA ARG D 273 19.92 8.34 29.20
C ARG D 273 19.49 8.35 30.67
N TRP D 274 20.10 7.52 31.50
CA TRP D 274 19.92 7.58 32.97
C TRP D 274 20.59 8.89 33.44
N GLU D 275 19.78 9.93 33.74
CA GLU D 275 20.28 11.27 34.14
C GLU D 275 20.63 12.34 33.03
N MET E 1 17.64 -35.49 10.70
CA MET E 1 17.03 -34.26 10.15
C MET E 1 17.10 -33.06 11.10
N ILE E 2 16.59 -31.93 10.62
CA ILE E 2 16.73 -30.65 11.32
C ILE E 2 16.08 -30.65 12.68
N GLN E 3 16.86 -30.16 13.66
CA GLN E 3 16.40 -29.97 15.03
C GLN E 3 16.93 -28.65 15.57
N ARG E 4 16.02 -27.79 16.04
CA ARG E 4 16.39 -26.50 16.57
C ARG E 4 15.84 -26.35 17.98
N THR E 5 16.70 -25.91 18.90
CA THR E 5 16.31 -25.77 20.32
C THR E 5 15.42 -24.54 20.52
N PRO E 6 14.39 -24.65 21.38
CA PRO E 6 13.57 -23.46 21.64
C PRO E 6 14.29 -22.40 22.45
N LYS E 7 14.04 -21.13 22.12
CA LYS E 7 14.35 -20.02 23.00
C LYS E 7 13.13 -19.93 23.91
N ILE E 8 13.33 -19.46 25.13
CA ILE E 8 12.28 -19.44 26.14
C ILE E 8 12.37 -18.09 26.84
N GLN E 9 11.25 -17.37 26.89
CA GLN E 9 11.08 -16.17 27.75
C GLN E 9 9.88 -16.36 28.68
N VAL E 10 10.10 -16.10 29.97
CA VAL E 10 9.02 -16.12 30.97
C VAL E 10 8.82 -14.72 31.55
N TYR E 11 7.60 -14.22 31.49
CA TYR E 11 7.34 -12.82 31.77
C TYR E 11 5.84 -12.56 31.96
N SER E 12 5.51 -11.43 32.59
CA SER E 12 4.12 -11.06 32.79
C SER E 12 3.65 -10.09 31.72
N ARG E 13 2.36 -10.08 31.43
CA ARG E 13 1.78 -9.17 30.46
C ARG E 13 1.95 -7.68 30.84
N HIS E 14 1.61 -7.32 32.07
CA HIS E 14 1.81 -5.98 32.62
C HIS E 14 2.91 -6.03 33.68
N PRO E 15 3.48 -4.86 34.07
CA PRO E 15 4.29 -4.79 35.30
C PRO E 15 3.70 -5.54 36.50
N ALA E 16 4.53 -6.41 37.11
CA ALA E 16 4.11 -7.20 38.25
C ALA E 16 3.90 -6.29 39.43
N GLU E 17 2.68 -6.31 39.94
CA GLU E 17 2.38 -5.59 41.17
C GLU E 17 1.73 -6.58 42.10
N ASN E 18 2.28 -6.77 43.28
CA ASN E 18 1.69 -7.74 44.22
C ASN E 18 0.22 -7.44 44.54
N GLY E 19 -0.61 -8.46 44.37
CA GLY E 19 -2.04 -8.33 44.63
C GLY E 19 -2.89 -7.87 43.45
N LYS E 20 -2.23 -7.55 42.33
CA LYS E 20 -2.97 -7.11 41.14
C LYS E 20 -2.92 -8.19 40.06
N SER E 21 -4.09 -8.46 39.49
CA SER E 21 -4.27 -9.52 38.48
C SER E 21 -3.46 -9.23 37.23
N ASN E 22 -3.07 -10.31 36.55
CA ASN E 22 -2.09 -10.23 35.48
C ASN E 22 -2.15 -11.50 34.63
N PHE E 23 -1.26 -11.61 33.66
CA PHE E 23 -1.09 -12.84 32.95
C PHE E 23 0.40 -13.20 33.00
N LEU E 24 0.66 -14.49 33.26
CA LEU E 24 1.98 -15.08 33.19
C LEU E 24 2.14 -15.76 31.83
N ASN E 25 3.17 -15.35 31.09
CA ASN E 25 3.47 -15.79 29.73
C ASN E 25 4.75 -16.62 29.70
N CYS E 26 4.72 -17.68 28.90
CA CYS E 26 5.92 -18.40 28.48
C CYS E 26 5.96 -18.44 26.96
N TYR E 27 6.89 -17.68 26.39
CA TYR E 27 7.03 -17.60 24.94
C TYR E 27 8.17 -18.51 24.48
N VAL E 28 7.83 -19.50 23.66
CA VAL E 28 8.80 -20.45 23.15
C VAL E 28 8.94 -20.23 21.66
N SER E 29 10.16 -20.17 21.15
CA SER E 29 10.32 -19.79 19.76
C SER E 29 11.58 -20.40 19.17
N GLY E 30 11.63 -20.44 17.85
CA GLY E 30 12.82 -20.90 17.15
C GLY E 30 13.10 -22.38 17.18
N PHE E 31 12.10 -23.18 17.55
CA PHE E 31 12.25 -24.63 17.61
C PHE E 31 11.75 -25.41 16.37
N HIS E 32 12.29 -26.62 16.23
CA HIS E 32 11.90 -27.54 15.18
C HIS E 32 12.44 -28.90 15.56
N PRO E 33 11.63 -29.96 15.43
CA PRO E 33 10.24 -30.00 14.96
C PRO E 33 9.25 -29.47 16.01
N SER E 34 7.96 -29.66 15.76
CA SER E 34 6.94 -28.91 16.51
C SER E 34 6.47 -29.54 17.81
N ASP E 35 6.69 -30.84 17.98
CA ASP E 35 6.36 -31.52 19.24
C ASP E 35 7.16 -30.89 20.38
N ILE E 36 6.46 -30.31 21.35
CA ILE E 36 7.08 -29.57 22.44
C ILE E 36 6.20 -29.65 23.71
N GLU E 37 6.81 -29.75 24.88
CA GLU E 37 6.03 -29.78 26.12
C GLU E 37 6.35 -28.52 26.91
N VAL E 38 5.31 -27.78 27.28
CA VAL E 38 5.49 -26.53 27.99
C VAL E 38 4.58 -26.41 29.20
N ASP E 39 5.17 -26.31 30.40
CA ASP E 39 4.37 -26.14 31.62
C ASP E 39 4.74 -24.87 32.34
N LEU E 40 3.74 -24.26 32.99
CA LEU E 40 3.98 -23.16 33.89
C LEU E 40 3.84 -23.66 35.31
N LEU E 41 4.78 -23.23 36.16
CA LEU E 41 4.86 -23.79 37.51
C LEU E 41 4.68 -22.70 38.54
N LYS E 42 3.98 -23.04 39.64
CA LYS E 42 3.76 -22.17 40.79
C LYS E 42 4.30 -22.90 42.02
N ASN E 43 5.39 -22.38 42.58
CA ASN E 43 6.11 -23.02 43.69
C ASN E 43 6.40 -24.50 43.37
N GLY E 44 6.91 -24.76 42.17
CA GLY E 44 7.30 -26.11 41.76
C GLY E 44 6.18 -26.98 41.21
N GLU E 45 4.96 -26.47 41.30
CA GLU E 45 3.76 -27.25 41.05
C GLU E 45 3.11 -26.82 39.74
N ARG E 46 2.90 -27.78 38.82
CA ARG E 46 2.36 -27.50 37.48
C ARG E 46 1.00 -26.82 37.55
N ILE E 47 0.85 -25.70 36.85
CA ILE E 47 -0.44 -24.99 36.76
C ILE E 47 -1.34 -25.69 35.73
N GLU E 48 -2.60 -25.93 36.10
CA GLU E 48 -3.50 -26.73 35.28
C GLU E 48 -4.32 -25.98 34.22
N LYS E 49 -4.66 -24.73 34.48
CA LYS E 49 -5.43 -23.95 33.49
C LYS E 49 -4.51 -23.04 32.66
N VAL E 50 -3.79 -23.66 31.73
CA VAL E 50 -2.86 -22.93 30.88
C VAL E 50 -3.29 -23.06 29.43
N GLU E 51 -3.50 -21.92 28.78
CA GLU E 51 -3.85 -21.88 27.35
C GLU E 51 -2.63 -21.60 26.49
N HIS E 52 -2.72 -21.90 25.20
CA HIS E 52 -1.66 -21.48 24.28
C HIS E 52 -2.21 -21.00 22.95
N SER E 53 -1.37 -20.26 22.22
CA SER E 53 -1.70 -19.73 20.91
C SER E 53 -1.67 -20.85 19.88
N ASP E 54 -2.14 -20.52 18.68
CA ASP E 54 -2.18 -21.46 17.58
C ASP E 54 -0.78 -21.54 16.96
N LEU E 55 -0.33 -22.76 16.73
CA LEU E 55 0.99 -23.02 16.17
C LEU E 55 1.20 -22.22 14.89
N SER E 56 2.30 -21.45 14.84
CA SER E 56 2.69 -20.71 13.64
C SER E 56 4.22 -20.82 13.54
N PHE E 57 4.79 -20.19 12.51
CA PHE E 57 6.24 -20.25 12.28
C PHE E 57 6.77 -18.98 11.65
N SER E 58 8.10 -18.82 11.77
CA SER E 58 8.83 -17.65 11.27
C SER E 58 9.37 -17.88 9.87
N LYS E 59 9.98 -16.84 9.30
CA LYS E 59 10.52 -16.88 7.95
C LYS E 59 11.51 -18.02 7.75
N ASP E 60 12.25 -18.39 8.81
CA ASP E 60 13.20 -19.51 8.74
C ASP E 60 12.57 -20.89 8.96
N TRP E 61 11.23 -20.94 9.13
CA TRP E 61 10.46 -22.20 9.30
C TRP E 61 10.34 -22.65 10.76
N SER E 62 11.06 -21.96 11.65
CA SER E 62 11.09 -22.37 13.04
C SER E 62 9.80 -21.94 13.71
N PHE E 63 9.28 -22.79 14.58
CA PHE E 63 8.02 -22.59 15.26
C PHE E 63 8.09 -21.65 16.45
N TYR E 64 6.92 -21.06 16.74
CA TYR E 64 6.73 -20.29 17.98
C TYR E 64 5.33 -20.52 18.57
N LEU E 65 5.26 -20.41 19.90
CA LEU E 65 4.02 -20.53 20.66
C LEU E 65 4.07 -19.65 21.89
N LEU E 66 2.91 -19.12 22.26
CA LEU E 66 2.74 -18.42 23.54
C LEU E 66 1.83 -19.23 24.46
N TYR E 67 2.34 -19.59 25.65
CA TYR E 67 1.57 -20.25 26.69
C TYR E 67 1.29 -19.21 27.77
N TYR E 68 0.08 -19.22 28.31
CA TYR E 68 -0.31 -18.13 29.22
C TYR E 68 -1.37 -18.57 30.21
N THR E 69 -1.42 -17.87 31.35
CA THR E 69 -2.40 -18.15 32.38
C THR E 69 -2.60 -16.86 33.19
N GLU E 70 -3.83 -16.63 33.66
CA GLU E 70 -4.13 -15.54 34.59
C GLU E 70 -3.40 -15.82 35.90
N PHE E 71 -2.80 -14.79 36.49
CA PHE E 71 -2.22 -14.90 37.84
C PHE E 71 -2.21 -13.60 38.58
N THR E 72 -2.16 -13.70 39.91
CA THR E 72 -1.94 -12.55 40.75
C THR E 72 -0.62 -12.72 41.52
N PRO E 73 0.43 -12.00 41.09
CA PRO E 73 1.69 -12.16 41.80
C PRO E 73 1.60 -11.69 43.26
N THR E 74 2.45 -12.28 44.10
CA THR E 74 2.62 -11.91 45.50
C THR E 74 4.14 -11.80 45.74
N GLU E 75 4.53 -11.48 46.97
CA GLU E 75 5.95 -11.36 47.30
C GLU E 75 6.65 -12.72 47.31
N LYS E 76 5.95 -13.75 47.76
CA LYS E 76 6.55 -15.06 48.05
C LYS E 76 6.37 -16.16 46.99
N ASP E 77 5.32 -16.11 46.18
CA ASP E 77 5.12 -17.15 45.17
C ASP E 77 6.20 -17.10 44.10
N GLU E 78 6.78 -18.27 43.79
CA GLU E 78 7.74 -18.40 42.71
C GLU E 78 7.04 -18.99 41.48
N TYR E 79 7.39 -18.49 40.30
CA TYR E 79 6.86 -18.98 39.02
C TYR E 79 7.98 -19.38 38.10
N ALA E 80 7.72 -20.33 37.22
CA ALA E 80 8.70 -20.78 36.23
C ALA E 80 7.98 -21.41 35.07
N CYS E 81 8.71 -21.54 33.97
CA CYS E 81 8.30 -22.29 32.80
C CYS E 81 9.24 -23.50 32.66
N ARG E 82 8.67 -24.67 32.37
CA ARG E 82 9.42 -25.91 32.11
C ARG E 82 9.15 -26.43 30.69
N VAL E 83 10.22 -26.53 29.91
CA VAL E 83 10.13 -26.90 28.49
C VAL E 83 10.86 -28.24 28.22
N ASN E 84 10.20 -29.15 27.50
CA ASN E 84 10.89 -30.33 26.97
C ASN E 84 10.69 -30.48 25.48
N HIS E 85 11.74 -30.94 24.79
CA HIS E 85 11.89 -30.90 23.34
C HIS E 85 13.06 -31.83 23.01
N VAL E 86 13.00 -32.43 21.81
CA VAL E 86 13.96 -33.46 21.39
C VAL E 86 15.43 -32.99 21.53
N THR E 87 15.64 -31.68 21.48
CA THR E 87 16.97 -31.09 21.47
C THR E 87 17.55 -30.95 22.89
N LEU E 88 16.72 -31.21 23.89
CA LEU E 88 17.12 -31.04 25.29
C LEU E 88 17.34 -32.40 25.95
N SER E 89 18.50 -32.58 26.58
CA SER E 89 18.80 -33.83 27.28
C SER E 89 18.02 -33.94 28.58
N GLN E 90 17.59 -32.80 29.10
CA GLN E 90 16.67 -32.70 30.24
C GLN E 90 15.77 -31.47 30.04
N PRO E 91 14.56 -31.48 30.63
CA PRO E 91 13.64 -30.35 30.58
C PRO E 91 14.33 -29.07 31.08
N LYS E 92 14.16 -27.97 30.35
CA LYS E 92 14.78 -26.72 30.75
C LYS E 92 13.78 -25.94 31.60
N ILE E 93 14.24 -25.49 32.76
CA ILE E 93 13.43 -24.66 33.65
C ILE E 93 13.98 -23.23 33.66
N VAL E 94 13.11 -22.28 33.32
CA VAL E 94 13.41 -20.86 33.46
C VAL E 94 12.50 -20.24 34.51
N LYS E 95 13.09 -19.64 35.53
CA LYS E 95 12.34 -18.98 36.61
C LYS E 95 11.86 -17.62 36.12
N TRP E 96 10.67 -17.23 36.56
CA TRP E 96 10.17 -15.89 36.31
C TRP E 96 10.91 -14.88 37.18
N ASP E 97 11.54 -13.90 36.52
CA ASP E 97 12.14 -12.72 37.13
C ASP E 97 11.27 -11.50 36.75
N ARG E 98 10.76 -10.77 37.74
CA ARG E 98 9.83 -9.66 37.43
C ARG E 98 10.41 -8.42 36.69
N ASP E 99 11.74 -8.25 36.67
CA ASP E 99 12.32 -7.22 35.80
C ASP E 99 12.97 -7.80 34.55
N MET E 100 12.37 -8.86 33.99
CA MET E 100 12.86 -9.43 32.74
C MET E 100 11.72 -9.85 31.79
N SER F 1 -8.80 -14.12 2.98
CA SER F 1 -9.51 -15.27 2.29
C SER F 1 -8.49 -16.18 1.58
N LEU F 2 -8.63 -17.50 1.76
CA LEU F 2 -7.63 -18.48 1.26
C LEU F 2 -7.66 -18.62 -0.24
N PHE F 3 -6.54 -19.06 -0.80
CA PHE F 3 -6.47 -19.51 -2.19
C PHE F 3 -7.49 -20.64 -2.42
N ASN F 4 -8.22 -20.59 -3.53
CA ASN F 4 -9.30 -21.55 -3.81
C ASN F 4 -8.83 -22.79 -4.58
N THR F 5 -7.57 -22.75 -5.01
CA THR F 5 -6.91 -23.89 -5.59
C THR F 5 -5.87 -24.25 -4.57
N VAL F 6 -5.25 -25.41 -4.77
CA VAL F 6 -3.99 -25.76 -4.08
C VAL F 6 -3.62 -27.09 -4.68
N ALA F 7 -2.66 -27.07 -5.59
CA ALA F 7 -2.24 -28.28 -6.28
C ALA F 7 -1.36 -29.16 -5.39
N THR F 8 -1.51 -30.47 -5.60
CA THR F 8 -0.67 -31.48 -4.97
C THR F 8 0.71 -31.46 -5.64
N LEU F 9 1.71 -31.95 -4.91
CA LEU F 9 3.02 -32.13 -5.51
C LEU F 9 2.90 -33.14 -6.66
N TYR F 10 2.17 -34.23 -6.47
CA TYR F 10 1.98 -35.22 -7.56
C TYR F 10 1.00 -34.75 -8.62
#